data_4FJ7
#
_entry.id   4FJ7
#
_cell.length_a   75.112
_cell.length_b   119.544
_cell.length_c   130.091
_cell.angle_alpha   90.00
_cell.angle_beta   90.00
_cell.angle_gamma   90.00
#
_symmetry.space_group_name_H-M   'P 21 21 21'
#
loop_
_entity.id
_entity.type
_entity.pdbx_description
1 polymer 'DNA polymerase'
2 polymer 'DNA template'
3 polymer 'DNA primer'
4 non-polymer "2'-DEOXYGUANOSINE-5'-TRIPHOSPHATE"
5 non-polymer 'CALCIUM ION'
6 water water
#
loop_
_entity_poly.entity_id
_entity_poly.type
_entity_poly.pdbx_seq_one_letter_code
_entity_poly.pdbx_strand_id
1 'polypeptide(L)'
;MKEFYLTVEQIGDSIFERYIDSNGRERTREVEYKPSLFAHCPESQATKYFDIYGKPCTRKLFANMRDASQWIKRMEDIGL
EALGMDDFKLAYLSDTYNYEIKYDHTKIRVANFDIEVTSPDGFPEPSQAKHPIDAITHYDSIDDRFYVFDLLNSPYGNVE
EWSIEIAAKLQEQGGDEVPSEIIDKIIYMPFDNEKELLMEYLNFWQQKTPVILTGWNVESFAIPYVYNRIKNIFGESTAK
RLSPHRKTRVKVIENMYGSREIITLFGISVLDYIDLYKKFSFTNQPSYSLDYISEFELNVGKLKYDGPISKLRESNHQRY
ISYNIIAVYRVLQIDAKRQFINLSLDMGYYAKIQIQSVFSPIKTWDAIIFNSLKEQNKVIPQGRSHPVQPYPGAFVKEPI
PNRYKYVMSFDLTSAYPSIIRQVNISPETIAGTFKVAPLHDYINAVAERPSDVYSCSPNGMMYYKDRDGVVPTEITKVFN
QRKEHKGYMLAAQRNGEIIKEALHNPNLSVDEPLDVDYRFDFSDEIKEKIKKLSAKSLNEMLFRAQRTEVAGMTAQINRK
ALINGLAGALGNVWFRYYDLRNATAITTFGQMALQWIERKVNEYLNEVCGTEGEAFVLYGDTDSIYVSADKIIDKVGESK
FRDTNHWVDFLDKFARERMEPAIDRGFREMCEYMNNKQHLMFMDREAIAGPPLGSKGIGGFWTGKKRYALNVWDMEGTRY
AEPKLKIMGLETQKSSTPKAVQKALKECIRRMLQEGEESLQEYFKEFEKEFRQLNYISIASVSSANNIAKYDVGGFPGPK
CPFHIRGILTYNRAIKGNIDAPQVVEGEKVYVLPLREGNPFGDKCIAWPSGTEITDLIKDDVLHWMDYTVLLEKTFIKPL
EGFTSAAKLDYEKKASLFDMFDF
;
A
2 'polydeoxyribonucleotide' (DT)(DC)(DG)(DT)(DC)(DT)(DA)(DA)(DG)(DC)(DA)(DG)(DT)(DC)(DC)(DG)(DC)(DG) T
3 'polydeoxyribonucleotide' (DG)(DC)(DG)(DG)(DA)(DC)(DT)(DG)(DC)(DT)(DT)(DA)(DG) P
#
loop_
_chem_comp.id
_chem_comp.type
_chem_comp.name
_chem_comp.formula
CA non-polymer 'CALCIUM ION' 'Ca 2'
DA DNA linking 2'-DEOXYADENOSINE-5'-MONOPHOSPHATE 'C10 H14 N5 O6 P'
DC DNA linking 2'-DEOXYCYTIDINE-5'-MONOPHOSPHATE 'C9 H14 N3 O7 P'
DG DNA linking 2'-DEOXYGUANOSINE-5'-MONOPHOSPHATE 'C10 H14 N5 O7 P'
DGT non-polymer 2'-DEOXYGUANOSINE-5'-TRIPHOSPHATE 'C10 H16 N5 O13 P3'
DT DNA linking THYMIDINE-5'-MONOPHOSPHATE 'C10 H15 N2 O8 P'
#
# COMPACT_ATOMS: atom_id res chain seq x y z
N MET A 1 -9.29 -2.65 -34.06
CA MET A 1 -9.21 -2.93 -32.60
C MET A 1 -10.59 -2.89 -31.94
N LYS A 2 -10.72 -3.58 -30.80
CA LYS A 2 -11.94 -3.54 -30.02
C LYS A 2 -12.06 -2.20 -29.32
N GLU A 3 -13.28 -1.67 -29.23
CA GLU A 3 -13.49 -0.39 -28.57
C GLU A 3 -13.34 -0.54 -27.05
N PHE A 4 -12.95 0.54 -26.37
CA PHE A 4 -12.97 0.57 -24.91
C PHE A 4 -13.29 1.96 -24.36
N TYR A 5 -13.99 2.00 -23.23
CA TYR A 5 -14.35 3.25 -22.58
C TYR A 5 -13.12 3.91 -21.97
N LEU A 6 -13.18 5.24 -21.87
CA LEU A 6 -12.19 6.00 -21.15
C LEU A 6 -12.82 6.46 -19.82
N THR A 7 -13.94 7.15 -19.92
CA THR A 7 -14.68 7.58 -18.74
C THR A 7 -16.17 7.40 -19.00
N VAL A 8 -16.94 7.34 -17.93
CA VAL A 8 -18.40 7.26 -18.03
C VAL A 8 -19.04 8.07 -16.89
N GLU A 9 -20.11 8.81 -17.22
CA GLU A 9 -20.84 9.57 -16.21
C GLU A 9 -22.34 9.46 -16.45
N GLN A 10 -23.10 9.52 -15.36
CA GLN A 10 -24.54 9.76 -15.49
C GLN A 10 -24.83 11.24 -15.20
N ILE A 11 -25.44 11.94 -16.15
CA ILE A 11 -25.90 13.31 -15.92
C ILE A 11 -27.39 13.39 -16.23
N GLY A 12 -28.21 13.43 -15.18
CA GLY A 12 -29.67 13.33 -15.34
C GLY A 12 -30.03 12.03 -16.03
N ASP A 13 -30.69 12.14 -17.18
CA ASP A 13 -31.16 10.96 -17.91
C ASP A 13 -30.23 10.49 -19.03
N SER A 14 -29.03 11.05 -19.07
CA SER A 14 -28.05 10.68 -20.08
C SER A 14 -26.80 10.02 -19.49
N ILE A 15 -26.26 9.06 -20.22
CA ILE A 15 -24.92 8.59 -19.98
C ILE A 15 -24.01 9.39 -20.90
N PHE A 16 -22.96 9.97 -20.32
CA PHE A 16 -21.90 10.61 -21.09
C PHE A 16 -20.67 9.72 -21.04
N GLU A 17 -20.22 9.29 -22.21
CA GLU A 17 -19.09 8.38 -22.29
C GLU A 17 -18.03 8.95 -23.21
N ARG A 18 -16.79 8.92 -22.73
CA ARG A 18 -15.65 9.14 -23.60
C ARG A 18 -15.08 7.77 -23.86
N TYR A 19 -14.71 7.49 -25.11
CA TYR A 19 -14.23 6.16 -25.44
C TYR A 19 -13.25 6.20 -26.60
N ILE A 20 -12.55 5.09 -26.79
CA ILE A 20 -11.72 4.91 -27.96
C ILE A 20 -12.50 4.01 -28.92
N ASP A 21 -12.76 4.50 -30.14
CA ASP A 21 -13.56 3.74 -31.10
C ASP A 21 -12.71 2.68 -31.82
N SER A 22 -13.34 1.94 -32.73
CA SER A 22 -12.69 0.80 -33.38
C SER A 22 -11.49 1.21 -34.25
N ASN A 23 -11.38 2.50 -34.54
CA ASN A 23 -10.26 3.04 -35.32
C ASN A 23 -9.14 3.62 -34.47
N GLY A 24 -9.31 3.56 -33.16
CA GLY A 24 -8.29 4.06 -32.24
C GLY A 24 -8.42 5.55 -31.93
N ARG A 25 -9.55 6.14 -32.31
CA ARG A 25 -9.81 7.55 -32.04
C ARG A 25 -10.62 7.80 -30.78
N GLU A 26 -10.30 8.90 -30.11
CA GLU A 26 -11.10 9.34 -28.96
C GLU A 26 -12.39 10.00 -29.43
N ARG A 27 -13.51 9.53 -28.88
CA ARG A 27 -14.82 10.06 -29.18
C ARG A 27 -15.57 10.32 -27.88
N THR A 28 -16.65 11.09 -27.97
CA THR A 28 -17.55 11.26 -26.85
C THR A 28 -18.95 11.08 -27.39
N ARG A 29 -19.82 10.49 -26.58
CA ARG A 29 -21.21 10.36 -26.96
C ARG A 29 -22.13 10.54 -25.77
N GLU A 30 -23.35 10.98 -26.05
CA GLU A 30 -24.40 11.06 -25.05
C GLU A 30 -25.44 10.01 -25.43
N VAL A 31 -25.79 9.16 -24.48
CA VAL A 31 -26.71 8.06 -24.75
C VAL A 31 -27.85 8.10 -23.74
N GLU A 32 -29.09 8.07 -24.24
CA GLU A 32 -30.27 8.07 -23.38
C GLU A 32 -30.55 6.63 -22.94
N TYR A 33 -29.65 6.12 -22.11
CA TYR A 33 -29.64 4.74 -21.65
C TYR A 33 -30.87 4.40 -20.83
N LYS A 34 -31.58 3.36 -21.25
CA LYS A 34 -32.76 2.92 -20.54
C LYS A 34 -32.36 1.75 -19.65
N PRO A 35 -32.33 1.96 -18.31
CA PRO A 35 -31.86 0.88 -17.47
C PRO A 35 -32.95 -0.14 -17.19
N SER A 36 -32.54 -1.35 -16.78
CA SER A 36 -33.47 -2.37 -16.31
C SER A 36 -33.21 -2.66 -14.86
N LEU A 37 -34.29 -2.86 -14.11
CA LEU A 37 -34.20 -3.41 -12.77
C LEU A 37 -35.18 -4.58 -12.68
N PHE A 38 -35.26 -5.22 -11.54
CA PHE A 38 -35.97 -6.49 -11.43
C PHE A 38 -36.80 -6.57 -10.17
N ALA A 39 -37.90 -7.31 -10.27
CA ALA A 39 -38.72 -7.64 -9.12
C ALA A 39 -38.99 -9.15 -9.13
N HIS A 40 -39.18 -9.73 -7.94
CA HIS A 40 -39.59 -11.13 -7.85
C HIS A 40 -40.92 -11.31 -8.51
N CYS A 41 -41.13 -12.45 -9.13
CA CYS A 41 -42.41 -12.72 -9.80
C CYS A 41 -42.89 -14.15 -9.51
N PRO A 42 -44.15 -14.48 -9.85
CA PRO A 42 -44.64 -15.84 -9.57
C PRO A 42 -44.03 -16.93 -10.45
N GLU A 43 -44.12 -18.17 -9.98
CA GLU A 43 -43.63 -19.36 -10.69
C GLU A 43 -44.29 -19.49 -12.07
N SER A 44 -45.62 -19.31 -12.11
CA SER A 44 -46.42 -19.43 -13.32
C SER A 44 -45.93 -18.58 -14.48
N GLN A 45 -45.31 -17.44 -14.16
CA GLN A 45 -44.71 -16.57 -15.16
C GLN A 45 -43.35 -17.12 -15.60
N ALA A 46 -43.24 -17.45 -16.87
CA ALA A 46 -41.99 -17.95 -17.46
C ALA A 46 -41.01 -16.81 -17.71
N THR A 47 -39.81 -16.93 -17.14
CA THR A 47 -38.79 -15.90 -17.30
C THR A 47 -37.43 -16.55 -17.55
N LYS A 48 -36.47 -15.74 -18.04
CA LYS A 48 -35.10 -16.20 -18.13
C LYS A 48 -34.21 -15.61 -17.03
N TYR A 49 -34.79 -14.72 -16.21
CA TYR A 49 -34.02 -14.07 -15.12
C TYR A 49 -34.33 -14.66 -13.76
N PHE A 50 -33.26 -15.02 -13.04
CA PHE A 50 -33.37 -15.59 -11.69
C PHE A 50 -32.41 -14.87 -10.74
N ASP A 51 -32.85 -14.67 -9.50
CA ASP A 51 -31.97 -14.09 -8.50
C ASP A 51 -30.95 -15.13 -8.06
N ILE A 52 -29.99 -14.74 -7.21
CA ILE A 52 -28.86 -15.65 -6.91
C ILE A 52 -29.27 -16.91 -6.15
N TYR A 53 -30.48 -16.90 -5.60
CA TYR A 53 -31.06 -18.03 -4.88
C TYR A 53 -32.01 -18.87 -5.73
N GLY A 54 -32.12 -18.53 -7.02
CA GLY A 54 -32.95 -19.30 -7.94
C GLY A 54 -34.42 -18.90 -7.99
N LYS A 55 -34.77 -17.81 -7.31
CA LYS A 55 -36.13 -17.26 -7.38
C LYS A 55 -36.30 -16.50 -8.71
N PRO A 56 -37.44 -16.71 -9.40
CA PRO A 56 -37.68 -16.04 -10.68
C PRO A 56 -37.95 -14.55 -10.54
N CYS A 57 -37.52 -13.80 -11.54
CA CYS A 57 -37.63 -12.35 -11.56
C CYS A 57 -38.18 -11.86 -12.89
N THR A 58 -38.97 -10.79 -12.83
CA THR A 58 -39.36 -10.09 -14.04
C THR A 58 -38.50 -8.85 -14.25
N ARG A 59 -38.10 -8.61 -15.50
CA ARG A 59 -37.29 -7.43 -15.82
C ARG A 59 -38.20 -6.24 -16.06
N LYS A 60 -37.86 -5.12 -15.45
CA LYS A 60 -38.59 -3.87 -15.67
C LYS A 60 -37.73 -2.87 -16.43
N LEU A 61 -38.17 -2.54 -17.65
CA LEU A 61 -37.44 -1.60 -18.49
C LEU A 61 -38.00 -0.20 -18.24
N PHE A 62 -37.12 0.73 -17.88
CA PHE A 62 -37.57 2.09 -17.58
C PHE A 62 -37.37 3.06 -18.74
N ALA A 63 -38.24 4.06 -18.81
CA ALA A 63 -38.18 5.07 -19.86
C ALA A 63 -36.88 5.87 -19.76
N ASN A 64 -36.34 5.95 -18.54
CA ASN A 64 -35.13 6.71 -18.27
C ASN A 64 -34.58 6.37 -16.89
N MET A 65 -33.37 6.84 -16.60
CA MET A 65 -32.71 6.53 -15.34
C MET A 65 -33.41 7.13 -14.12
N ARG A 66 -33.97 8.34 -14.27
CA ARG A 66 -34.72 8.95 -13.17
C ARG A 66 -35.95 8.11 -12.79
N ASP A 67 -36.66 7.59 -13.79
CA ASP A 67 -37.80 6.70 -13.54
C ASP A 67 -37.37 5.47 -12.73
N ALA A 68 -36.23 4.88 -13.09
CA ALA A 68 -35.69 3.72 -12.39
C ALA A 68 -35.36 4.03 -10.92
N SER A 69 -34.70 5.15 -10.68
CA SER A 69 -34.39 5.60 -9.32
C SER A 69 -35.65 5.85 -8.49
N GLN A 70 -36.64 6.50 -9.09
CA GLN A 70 -37.92 6.73 -8.39
C GLN A 70 -38.63 5.43 -8.08
N TRP A 71 -38.50 4.44 -8.96
CA TRP A 71 -39.10 3.13 -8.72
C TRP A 71 -38.48 2.48 -7.52
N ILE A 72 -37.16 2.57 -7.42
CA ILE A 72 -36.45 2.02 -6.27
C ILE A 72 -37.00 2.63 -4.98
N LYS A 73 -37.16 3.96 -4.94
CA LYS A 73 -37.71 4.65 -3.76
C LYS A 73 -39.10 4.13 -3.38
N ARG A 74 -39.98 4.01 -4.38
CA ARG A 74 -41.33 3.53 -4.14
C ARG A 74 -41.37 2.07 -3.67
N MET A 75 -40.45 1.25 -4.19
CA MET A 75 -40.32 -0.13 -3.72
C MET A 75 -39.95 -0.19 -2.24
N GLU A 76 -39.08 0.72 -1.81
CA GLU A 76 -38.78 0.89 -0.39
C GLU A 76 -40.02 1.33 0.39
N ASP A 77 -40.77 2.29 -0.15
CA ASP A 77 -42.03 2.74 0.47
C ASP A 77 -43.01 1.58 0.65
N ILE A 78 -43.06 0.69 -0.34
CA ILE A 78 -43.93 -0.49 -0.30
C ILE A 78 -43.35 -1.56 0.64
N GLY A 79 -42.03 -1.68 0.66
CA GLY A 79 -41.35 -2.69 1.49
C GLY A 79 -41.00 -3.93 0.70
N LEU A 80 -40.62 -3.75 -0.56
CA LEU A 80 -40.28 -4.87 -1.43
C LEU A 80 -38.89 -4.67 -2.03
N GLU A 81 -38.18 -5.79 -2.22
CA GLU A 81 -36.83 -5.72 -2.75
C GLU A 81 -36.84 -5.24 -4.21
N ALA A 82 -35.99 -4.25 -4.50
CA ALA A 82 -35.75 -3.81 -5.87
C ALA A 82 -34.38 -4.34 -6.29
N LEU A 83 -34.39 -5.37 -7.14
CA LEU A 83 -33.17 -6.09 -7.51
C LEU A 83 -32.52 -5.52 -8.76
N GLY A 84 -31.22 -5.76 -8.94
CA GLY A 84 -30.49 -5.25 -10.10
C GLY A 84 -29.47 -4.19 -9.77
N MET A 85 -28.63 -3.86 -10.75
CA MET A 85 -27.54 -2.89 -10.59
C MET A 85 -28.09 -1.48 -10.57
N ASP A 86 -28.09 -0.88 -9.38
CA ASP A 86 -28.69 0.43 -9.14
C ASP A 86 -27.74 1.56 -9.56
N ASP A 87 -26.46 1.23 -9.75
CA ASP A 87 -25.50 2.17 -10.31
C ASP A 87 -25.54 2.04 -11.82
N PHE A 88 -26.34 2.89 -12.46
CA PHE A 88 -26.70 2.69 -13.86
C PHE A 88 -25.51 2.76 -14.81
N LYS A 89 -24.49 3.53 -14.48
CA LYS A 89 -23.31 3.56 -15.35
C LYS A 89 -22.55 2.23 -15.39
N LEU A 90 -22.56 1.48 -14.29
CA LEU A 90 -21.98 0.14 -14.28
C LEU A 90 -22.79 -0.81 -15.18
N ALA A 91 -24.11 -0.68 -15.14
CA ALA A 91 -24.97 -1.44 -16.04
C ALA A 91 -24.72 -1.06 -17.51
N TYR A 92 -24.58 0.25 -17.77
CA TYR A 92 -24.24 0.75 -19.10
C TYR A 92 -22.93 0.14 -19.62
N LEU A 93 -21.88 0.17 -18.82
CA LEU A 93 -20.59 -0.43 -19.25
C LEU A 93 -20.70 -1.93 -19.51
N SER A 94 -21.48 -2.60 -18.67
CA SER A 94 -21.67 -4.04 -18.80
C SER A 94 -22.38 -4.39 -20.12
N ASP A 95 -23.38 -3.59 -20.48
CA ASP A 95 -24.10 -3.73 -21.75
C ASP A 95 -23.25 -3.36 -22.97
N THR A 96 -22.45 -2.31 -22.83
CA THR A 96 -21.73 -1.74 -23.97
C THR A 96 -20.43 -2.48 -24.23
N TYR A 97 -19.82 -3.02 -23.17
CA TYR A 97 -18.56 -3.76 -23.31
C TYR A 97 -18.73 -5.16 -22.78
N ASN A 98 -19.49 -5.95 -23.53
CA ASN A 98 -19.84 -7.30 -23.08
C ASN A 98 -18.80 -8.33 -23.51
N TYR A 99 -17.56 -8.05 -23.16
CA TYR A 99 -16.42 -8.91 -23.46
C TYR A 99 -15.29 -8.49 -22.54
N GLU A 100 -14.25 -9.31 -22.44
CA GLU A 100 -13.06 -8.93 -21.70
C GLU A 100 -12.40 -7.76 -22.41
N ILE A 101 -12.30 -6.63 -21.72
CA ILE A 101 -11.75 -5.43 -22.33
C ILE A 101 -10.25 -5.55 -22.50
N LYS A 102 -9.80 -5.35 -23.74
CA LYS A 102 -8.39 -5.17 -24.00
C LYS A 102 -8.19 -3.69 -24.30
N TYR A 103 -7.37 -3.04 -23.48
CA TYR A 103 -7.15 -1.62 -23.65
C TYR A 103 -5.75 -1.32 -24.17
N ASP A 104 -5.60 -0.15 -24.76
CA ASP A 104 -4.34 0.30 -25.32
C ASP A 104 -3.99 1.59 -24.62
N HIS A 105 -3.05 1.50 -23.68
CA HIS A 105 -2.66 2.63 -22.84
C HIS A 105 -2.11 3.81 -23.61
N THR A 106 -1.55 3.54 -24.79
CA THR A 106 -0.98 4.61 -25.63
C THR A 106 -2.06 5.55 -26.17
N LYS A 107 -3.32 5.13 -26.10
CA LYS A 107 -4.46 5.95 -26.55
C LYS A 107 -5.13 6.69 -25.40
N ILE A 108 -4.73 6.37 -24.17
CA ILE A 108 -5.34 6.98 -22.98
C ILE A 108 -4.50 8.19 -22.57
N ARG A 109 -5.14 9.36 -22.54
CA ARG A 109 -4.44 10.59 -22.19
C ARG A 109 -4.27 10.70 -20.68
N VAL A 110 -3.04 10.50 -20.22
CA VAL A 110 -2.73 10.59 -18.80
C VAL A 110 -2.01 11.90 -18.57
N ALA A 111 -2.63 12.78 -17.77
CA ALA A 111 -2.04 14.06 -17.48
C ALA A 111 -1.51 14.13 -16.05
N ASN A 112 -0.30 14.65 -15.91
CA ASN A 112 0.38 14.83 -14.63
C ASN A 112 0.63 16.32 -14.50
N PHE A 113 0.05 16.97 -13.50
CA PHE A 113 0.28 18.42 -13.34
C PHE A 113 0.59 18.88 -11.92
N ASP A 114 1.12 20.11 -11.84
CA ASP A 114 1.43 20.74 -10.56
C ASP A 114 1.36 22.25 -10.75
N ILE A 115 0.84 22.93 -9.74
CA ILE A 115 0.74 24.39 -9.81
C ILE A 115 1.59 25.04 -8.71
N GLU A 116 1.99 26.28 -8.94
CA GLU A 116 2.60 27.09 -7.91
C GLU A 116 1.73 28.30 -7.65
N VAL A 117 1.64 28.69 -6.38
CA VAL A 117 0.86 29.85 -5.94
C VAL A 117 1.66 30.53 -4.84
N THR A 118 2.11 31.77 -5.10
CA THR A 118 2.83 32.55 -4.09
C THR A 118 1.83 33.12 -3.08
N SER A 119 2.11 32.92 -1.80
CA SER A 119 1.22 33.40 -0.74
C SER A 119 2.01 33.94 0.46
N PRO A 120 1.92 35.26 0.72
CA PRO A 120 2.61 35.89 1.85
C PRO A 120 2.04 35.47 3.21
N ASP A 121 0.71 35.33 3.28
CA ASP A 121 -0.01 35.14 4.54
C ASP A 121 -0.33 33.68 4.87
N GLY A 122 0.63 32.79 4.63
CA GLY A 122 0.47 31.39 4.97
C GLY A 122 -0.04 30.55 3.82
N PHE A 123 -0.47 29.33 4.14
CA PHE A 123 -0.91 28.35 3.15
C PHE A 123 -2.09 28.87 2.33
N PRO A 124 -1.97 28.82 0.99
CA PRO A 124 -3.05 29.31 0.11
C PRO A 124 -4.22 28.34 0.06
N GLU A 125 -5.30 28.68 0.77
CA GLU A 125 -6.47 27.81 0.86
C GLU A 125 -7.19 27.66 -0.48
N PRO A 126 -7.33 26.41 -0.97
CA PRO A 126 -7.95 26.19 -2.28
C PRO A 126 -9.40 26.67 -2.35
N SER A 127 -10.14 26.61 -1.26
CA SER A 127 -11.54 27.06 -1.23
C SER A 127 -11.69 28.58 -1.31
N GLN A 128 -10.64 29.29 -0.95
CA GLN A 128 -10.60 30.75 -1.05
C GLN A 128 -10.01 31.17 -2.39
N ALA A 129 -8.92 30.51 -2.79
CA ALA A 129 -8.17 30.82 -4.01
C ALA A 129 -7.93 32.32 -4.24
N LYS A 130 -7.42 32.99 -3.21
CA LYS A 130 -7.27 34.43 -3.24
C LYS A 130 -5.97 34.91 -3.84
N HIS A 131 -5.05 34.00 -4.15
CA HIS A 131 -3.77 34.38 -4.74
C HIS A 131 -3.62 33.92 -6.17
N PRO A 132 -2.88 34.68 -7.00
CA PRO A 132 -2.69 34.29 -8.40
C PRO A 132 -2.00 32.93 -8.53
N ILE A 133 -2.37 32.19 -9.57
CA ILE A 133 -1.63 30.98 -9.94
C ILE A 133 -0.48 31.48 -10.81
N ASP A 134 0.76 31.27 -10.38
CA ASP A 134 1.89 31.87 -11.09
C ASP A 134 2.77 30.88 -11.85
N ALA A 135 2.45 29.59 -11.74
CA ALA A 135 3.05 28.57 -12.61
C ALA A 135 2.17 27.34 -12.69
N ILE A 136 2.07 26.75 -13.88
CA ILE A 136 1.51 25.42 -14.08
C ILE A 136 2.43 24.62 -15.01
N THR A 137 2.85 23.44 -14.58
CA THR A 137 3.49 22.47 -15.47
C THR A 137 2.56 21.28 -15.63
N HIS A 138 2.27 20.94 -16.88
CA HIS A 138 1.27 19.95 -17.23
C HIS A 138 1.89 19.02 -18.23
N TYR A 139 2.20 17.79 -17.80
CA TYR A 139 2.75 16.76 -18.68
C TYR A 139 1.61 15.96 -19.31
N ASP A 140 1.68 15.77 -20.63
CA ASP A 140 0.70 14.99 -21.39
C ASP A 140 1.37 13.72 -21.90
N SER A 141 0.81 12.55 -21.56
CA SER A 141 1.43 11.28 -21.90
C SER A 141 1.37 10.93 -23.39
N ILE A 142 0.36 11.46 -24.09
CA ILE A 142 0.23 11.22 -25.53
C ILE A 142 1.26 12.06 -26.31
N ASP A 143 1.36 13.34 -25.97
CA ASP A 143 2.38 14.19 -26.59
C ASP A 143 3.79 13.90 -26.09
N ASP A 144 3.89 13.34 -24.88
CA ASP A 144 5.18 13.19 -24.19
C ASP A 144 5.87 14.57 -24.05
N ARG A 145 5.09 15.58 -23.67
CA ARG A 145 5.63 16.92 -23.49
C ARG A 145 5.25 17.53 -22.15
N PHE A 146 6.17 18.32 -21.59
CA PHE A 146 5.87 19.15 -20.41
C PHE A 146 5.49 20.53 -20.89
N TYR A 147 4.22 20.89 -20.67
CA TYR A 147 3.72 22.22 -21.01
C TYR A 147 3.82 23.11 -19.78
N VAL A 148 4.63 24.15 -19.90
CA VAL A 148 4.93 25.06 -18.79
C VAL A 148 4.28 26.41 -19.05
N PHE A 149 3.38 26.80 -18.15
CA PHE A 149 2.66 28.06 -18.19
C PHE A 149 3.24 28.91 -17.07
N ASP A 150 3.92 29.99 -17.44
CA ASP A 150 4.73 30.81 -16.53
C ASP A 150 4.21 32.24 -16.45
N LEU A 151 3.81 32.66 -15.25
CA LEU A 151 3.30 34.03 -15.06
C LEU A 151 4.43 34.99 -14.74
N LEU A 152 4.62 35.98 -15.62
CA LEU A 152 5.74 36.93 -15.47
C LEU A 152 5.38 38.16 -14.65
N ASN A 153 4.09 38.51 -14.64
CA ASN A 153 3.62 39.70 -13.96
C ASN A 153 2.53 39.36 -12.97
N SER A 154 2.75 39.74 -11.71
CA SER A 154 1.89 39.37 -10.61
C SER A 154 1.91 40.52 -9.61
N PRO A 155 0.84 40.66 -8.79
CA PRO A 155 0.90 41.59 -7.65
C PRO A 155 2.09 41.32 -6.71
N TYR A 156 2.59 40.09 -6.70
CA TYR A 156 3.72 39.72 -5.83
C TYR A 156 5.08 39.82 -6.51
N GLY A 157 5.12 40.41 -7.70
CA GLY A 157 6.40 40.71 -8.38
C GLY A 157 6.41 40.43 -9.87
N ASN A 158 7.12 41.28 -10.59
CA ASN A 158 7.37 41.07 -12.00
C ASN A 158 8.72 40.43 -12.23
N VAL A 159 8.75 39.38 -13.04
CA VAL A 159 9.97 38.59 -13.24
C VAL A 159 10.35 38.44 -14.72
N GLU A 160 11.57 37.96 -14.96
CA GLU A 160 12.06 37.66 -16.29
C GLU A 160 11.68 36.23 -16.69
N GLU A 161 11.69 35.95 -17.99
CA GLU A 161 11.42 34.62 -18.51
C GLU A 161 12.40 33.60 -17.94
N TRP A 162 11.87 32.40 -17.72
CA TRP A 162 12.69 31.27 -17.33
C TRP A 162 13.59 30.89 -18.49
N SER A 163 14.81 30.47 -18.17
CA SER A 163 15.78 30.10 -19.19
C SER A 163 16.02 28.60 -19.21
N ILE A 164 15.69 27.96 -20.33
CA ILE A 164 15.94 26.52 -20.47
C ILE A 164 17.44 26.19 -20.40
N GLU A 165 18.26 27.13 -20.84
CA GLU A 165 19.71 26.93 -20.87
C GLU A 165 20.30 26.88 -19.47
N ILE A 166 19.87 27.79 -18.59
CA ILE A 166 20.30 27.75 -17.18
C ILE A 166 19.70 26.53 -16.47
N ALA A 167 18.47 26.18 -16.81
CA ALA A 167 17.79 25.05 -16.18
C ALA A 167 18.54 23.73 -16.37
N ALA A 168 19.12 23.58 -17.56
CA ALA A 168 19.84 22.36 -17.94
C ALA A 168 21.21 22.21 -17.28
N LYS A 169 21.80 23.33 -16.86
CA LYS A 169 23.13 23.31 -16.27
C LYS A 169 23.15 22.65 -14.90
N LEU A 170 24.34 22.17 -14.53
CA LEU A 170 24.59 21.62 -13.20
C LEU A 170 24.32 22.67 -12.12
N GLN A 171 23.94 22.21 -10.93
CA GLN A 171 23.83 23.09 -9.76
C GLN A 171 25.14 23.83 -9.54
N GLU A 172 26.24 23.16 -9.85
CA GLU A 172 27.59 23.71 -9.72
C GLU A 172 27.96 24.73 -10.81
N GLN A 173 27.11 24.85 -11.83
CA GLN A 173 27.23 25.91 -12.83
C GLN A 173 26.24 27.02 -12.53
N GLY A 174 25.55 26.90 -11.40
CA GLY A 174 24.46 27.81 -11.05
C GLY A 174 23.15 27.45 -11.72
N GLY A 175 23.10 26.24 -12.29
CA GLY A 175 21.90 25.77 -12.99
C GLY A 175 20.93 25.06 -12.06
N ASP A 176 19.90 24.46 -12.65
CA ASP A 176 18.85 23.83 -11.85
C ASP A 176 18.85 22.31 -11.97
N GLU A 177 19.75 21.79 -12.81
CA GLU A 177 19.84 20.36 -13.12
C GLU A 177 18.52 19.72 -13.50
N VAL A 178 17.73 20.40 -14.34
CA VAL A 178 16.58 19.78 -14.98
C VAL A 178 17.14 18.67 -15.87
N PRO A 179 16.75 17.40 -15.61
CA PRO A 179 17.36 16.23 -16.27
C PRO A 179 17.38 16.37 -17.78
N SER A 180 18.52 16.06 -18.38
CA SER A 180 18.69 16.25 -19.81
C SER A 180 17.68 15.47 -20.65
N GLU A 181 17.27 14.29 -20.17
CA GLU A 181 16.30 13.49 -20.92
C GLU A 181 14.89 14.12 -21.05
N ILE A 182 14.63 15.20 -20.32
CA ILE A 182 13.36 15.94 -20.49
C ILE A 182 13.51 17.34 -21.09
N ILE A 183 14.76 17.81 -21.19
CA ILE A 183 15.03 19.16 -21.68
C ILE A 183 14.33 19.45 -23.02
N ASP A 184 14.47 18.54 -23.98
CA ASP A 184 13.86 18.70 -25.31
C ASP A 184 12.35 18.44 -25.33
N LYS A 185 11.78 18.09 -24.17
CA LYS A 185 10.35 17.80 -24.12
C LYS A 185 9.57 18.93 -23.45
N ILE A 186 10.24 20.05 -23.18
CA ILE A 186 9.60 21.18 -22.50
C ILE A 186 9.06 22.20 -23.50
N ILE A 187 7.79 22.53 -23.36
CA ILE A 187 7.18 23.55 -24.19
C ILE A 187 6.84 24.71 -23.25
N TYR A 188 7.62 25.78 -23.35
CA TYR A 188 7.58 26.87 -22.40
C TYR A 188 6.77 28.06 -22.89
N MET A 189 5.77 28.47 -22.10
CA MET A 189 4.89 29.56 -22.46
C MET A 189 4.80 30.60 -21.35
N PRO A 190 5.46 31.76 -21.54
CA PRO A 190 5.34 32.85 -20.57
C PRO A 190 4.10 33.71 -20.83
N PHE A 191 3.55 34.31 -19.77
CA PHE A 191 2.36 35.15 -19.88
C PHE A 191 2.53 36.46 -19.13
N ASP A 192 2.02 37.53 -19.71
CA ASP A 192 2.10 38.85 -19.09
C ASP A 192 1.01 39.14 -18.08
N ASN A 193 0.02 38.25 -18.00
CA ASN A 193 -0.99 38.36 -16.94
C ASN A 193 -1.70 37.04 -16.69
N GLU A 194 -2.27 36.91 -15.50
CA GLU A 194 -2.86 35.65 -15.06
C GLU A 194 -4.12 35.28 -15.84
N LYS A 195 -4.92 36.27 -16.23
CA LYS A 195 -6.11 36.00 -17.03
C LYS A 195 -5.76 35.29 -18.35
N GLU A 196 -4.74 35.79 -19.04
CA GLU A 196 -4.34 35.15 -20.30
C GLU A 196 -3.73 33.76 -20.09
N LEU A 197 -2.96 33.58 -19.02
CA LEU A 197 -2.42 32.27 -18.65
C LEU A 197 -3.57 31.25 -18.47
N LEU A 198 -4.56 31.62 -17.66
CA LEU A 198 -5.69 30.72 -17.38
C LEU A 198 -6.58 30.45 -18.60
N MET A 199 -6.81 31.46 -19.42
CA MET A 199 -7.61 31.28 -20.64
C MET A 199 -6.89 30.35 -21.62
N GLU A 200 -5.59 30.53 -21.76
CA GLU A 200 -4.79 29.65 -22.59
C GLU A 200 -4.73 28.23 -22.00
N TYR A 201 -4.58 28.12 -20.68
CA TYR A 201 -4.62 26.78 -20.04
C TYR A 201 -5.93 26.02 -20.34
N LEU A 202 -7.05 26.71 -20.23
CA LEU A 202 -8.36 26.12 -20.53
C LEU A 202 -8.53 25.73 -21.99
N ASN A 203 -7.99 26.53 -22.92
CA ASN A 203 -8.03 26.18 -24.34
C ASN A 203 -7.17 24.94 -24.63
N PHE A 204 -6.00 24.88 -24.00
CA PHE A 204 -5.09 23.73 -24.08
C PHE A 204 -5.81 22.48 -23.53
N TRP A 205 -6.48 22.65 -22.39
CA TRP A 205 -7.20 21.57 -21.73
C TRP A 205 -8.30 21.03 -22.59
N GLN A 206 -9.05 21.92 -23.26
CA GLN A 206 -10.02 21.50 -24.28
C GLN A 206 -9.40 20.66 -25.38
N GLN A 207 -8.23 21.05 -25.84
CA GLN A 207 -7.54 20.35 -26.92
C GLN A 207 -6.99 19.01 -26.47
N LYS A 208 -6.46 18.99 -25.25
CA LYS A 208 -5.80 17.81 -24.72
C LYS A 208 -6.45 17.42 -23.40
N THR A 209 -7.69 16.95 -23.44
CA THR A 209 -8.47 16.71 -22.24
C THR A 209 -8.01 15.44 -21.53
N PRO A 210 -7.50 15.59 -20.30
CA PRO A 210 -7.03 14.41 -19.57
C PRO A 210 -8.12 13.39 -19.44
N VAL A 211 -7.76 12.11 -19.57
CA VAL A 211 -8.66 11.04 -19.18
C VAL A 211 -8.34 10.66 -17.73
N ILE A 212 -7.08 10.31 -17.51
CA ILE A 212 -6.54 10.08 -16.16
C ILE A 212 -5.81 11.35 -15.75
N LEU A 213 -6.17 11.90 -14.61
CA LEU A 213 -5.52 13.09 -14.11
C LEU A 213 -4.84 12.82 -12.78
N THR A 214 -3.55 13.09 -12.72
CA THR A 214 -2.77 12.76 -11.54
C THR A 214 -1.75 13.85 -11.24
N GLY A 215 -0.92 13.62 -10.23
CA GLY A 215 0.05 14.59 -9.75
C GLY A 215 0.12 14.37 -8.25
N TRP A 216 0.75 15.28 -7.52
CA TRP A 216 0.92 15.07 -6.08
C TRP A 216 0.03 16.03 -5.33
N ASN A 217 -0.90 15.48 -4.56
CA ASN A 217 -1.96 16.27 -3.88
C ASN A 217 -2.88 17.04 -4.82
N VAL A 218 -3.04 16.56 -6.06
CA VAL A 218 -3.88 17.27 -7.03
C VAL A 218 -5.35 17.33 -6.62
N GLU A 219 -5.86 16.25 -6.02
CA GLU A 219 -7.26 16.21 -5.62
C GLU A 219 -7.58 17.16 -4.46
N SER A 220 -6.66 17.27 -3.51
CA SER A 220 -6.91 18.11 -2.34
C SER A 220 -6.42 19.55 -2.52
N PHE A 221 -5.42 19.76 -3.36
CA PHE A 221 -4.90 21.11 -3.62
C PHE A 221 -5.07 21.65 -5.04
N ALA A 222 -4.34 21.07 -6.02
CA ALA A 222 -4.22 21.71 -7.33
C ALA A 222 -5.56 21.85 -8.05
N ILE A 223 -6.34 20.78 -8.11
CA ILE A 223 -7.63 20.82 -8.80
C ILE A 223 -8.60 21.85 -8.17
N PRO A 224 -8.86 21.77 -6.84
CA PRO A 224 -9.73 22.79 -6.24
C PRO A 224 -9.19 24.21 -6.37
N TYR A 225 -7.87 24.38 -6.24
CA TYR A 225 -7.31 25.73 -6.37
C TYR A 225 -7.55 26.29 -7.78
N VAL A 226 -7.24 25.48 -8.80
CA VAL A 226 -7.43 25.93 -10.19
C VAL A 226 -8.90 26.23 -10.46
N TYR A 227 -9.78 25.31 -10.06
CA TYR A 227 -11.21 25.48 -10.25
C TYR A 227 -11.73 26.75 -9.59
N ASN A 228 -11.37 26.95 -8.32
CA ASN A 228 -11.85 28.09 -7.56
C ASN A 228 -11.26 29.41 -8.00
N ARG A 229 -10.00 29.38 -8.44
CA ARG A 229 -9.34 30.60 -8.93
C ARG A 229 -9.97 31.06 -10.24
N ILE A 230 -10.19 30.13 -11.16
CA ILE A 230 -10.87 30.44 -12.42
C ILE A 230 -12.29 30.90 -12.12
N LYS A 231 -12.96 30.21 -11.20
CA LYS A 231 -14.30 30.61 -10.74
C LYS A 231 -14.33 32.06 -10.23
N ASN A 232 -13.33 32.44 -9.42
CA ASN A 232 -13.27 33.78 -8.86
C ASN A 232 -12.99 34.87 -9.90
N ILE A 233 -12.11 34.57 -10.86
CA ILE A 233 -11.74 35.50 -11.90
C ILE A 233 -12.81 35.63 -13.00
N PHE A 234 -13.33 34.50 -13.48
CA PHE A 234 -14.17 34.46 -14.69
C PHE A 234 -15.61 34.06 -14.46
N GLY A 235 -15.90 33.40 -13.34
CA GLY A 235 -17.25 32.91 -13.07
C GLY A 235 -17.31 31.39 -13.18
N GLU A 236 -18.42 30.82 -12.75
CA GLU A 236 -18.62 29.37 -12.70
C GLU A 236 -18.55 28.65 -14.05
N SER A 237 -19.18 29.21 -15.07
CA SER A 237 -19.28 28.54 -16.36
C SER A 237 -17.89 28.28 -16.94
N THR A 238 -16.99 29.25 -16.76
CA THR A 238 -15.63 29.13 -17.26
C THR A 238 -14.87 28.03 -16.50
N ALA A 239 -15.01 28.00 -15.17
CA ALA A 239 -14.35 27.00 -14.34
C ALA A 239 -14.81 25.59 -14.67
N LYS A 240 -16.08 25.44 -15.06
CA LYS A 240 -16.63 24.14 -15.38
C LYS A 240 -16.09 23.56 -16.70
N ARG A 241 -15.33 24.37 -17.44
CA ARG A 241 -14.65 23.89 -18.65
C ARG A 241 -13.53 22.87 -18.35
N LEU A 242 -13.20 22.73 -17.08
CA LEU A 242 -12.29 21.67 -16.63
C LEU A 242 -12.93 20.29 -16.77
N SER A 243 -14.26 20.27 -16.86
CA SER A 243 -15.02 19.06 -17.16
C SER A 243 -15.39 19.00 -18.64
N PRO A 244 -15.09 17.87 -19.32
CA PRO A 244 -15.48 17.80 -20.74
C PRO A 244 -16.99 17.85 -20.93
N HIS A 245 -17.75 17.59 -19.87
CA HIS A 245 -19.21 17.68 -19.95
C HIS A 245 -19.75 18.91 -19.26
N ARG A 246 -18.84 19.82 -18.90
CA ARG A 246 -19.20 21.08 -18.24
C ARG A 246 -20.01 20.87 -16.95
N LYS A 247 -19.80 19.74 -16.30
CA LYS A 247 -20.45 19.49 -15.02
C LYS A 247 -19.43 19.20 -13.94
N THR A 248 -19.59 19.90 -12.82
CA THR A 248 -18.74 19.68 -11.66
C THR A 248 -19.60 19.67 -10.41
N ARG A 249 -19.07 19.12 -9.34
CA ARG A 249 -19.76 19.10 -8.07
C ARG A 249 -18.71 19.28 -6.98
N VAL A 250 -19.00 20.15 -6.01
CA VAL A 250 -18.22 20.16 -4.80
C VAL A 250 -18.61 18.90 -4.03
N LYS A 251 -17.63 18.05 -3.74
CA LYS A 251 -17.89 16.89 -2.89
C LYS A 251 -17.24 17.05 -1.52
N VAL A 252 -18.04 16.84 -0.49
CA VAL A 252 -17.56 16.92 0.88
C VAL A 252 -17.04 15.55 1.32
N ILE A 253 -15.75 15.50 1.62
CA ILE A 253 -15.10 14.29 2.11
C ILE A 253 -15.07 14.37 3.63
N GLU A 254 -15.78 13.45 4.28
CA GLU A 254 -15.90 13.45 5.75
C GLU A 254 -15.03 12.38 6.37
N ASN A 255 -14.46 12.69 7.55
CA ASN A 255 -13.85 11.67 8.41
C ASN A 255 -14.23 11.89 9.87
N MET A 256 -13.66 11.08 10.75
CA MET A 256 -14.01 11.09 12.18
C MET A 256 -13.99 12.48 12.83
N TYR A 257 -13.02 13.31 12.47
CA TYR A 257 -12.78 14.60 13.17
C TYR A 257 -13.27 15.85 12.43
N GLY A 258 -13.48 15.73 11.13
CA GLY A 258 -13.92 16.88 10.33
C GLY A 258 -14.16 16.48 8.88
N SER A 259 -14.28 17.49 8.03
CA SER A 259 -14.46 17.24 6.60
C SER A 259 -13.69 18.25 5.74
N ARG A 260 -13.52 17.90 4.46
CA ARG A 260 -12.85 18.76 3.51
C ARG A 260 -13.58 18.66 2.18
N GLU A 261 -13.34 19.63 1.29
CA GLU A 261 -14.03 19.66 0.00
C GLU A 261 -13.10 19.39 -1.17
N ILE A 262 -13.59 18.61 -2.12
CA ILE A 262 -12.88 18.39 -3.38
C ILE A 262 -13.83 18.72 -4.52
N ILE A 263 -13.28 18.88 -5.72
CA ILE A 263 -14.12 19.16 -6.87
C ILE A 263 -14.18 17.92 -7.74
N THR A 264 -15.38 17.40 -7.93
CA THR A 264 -15.57 16.30 -8.86
C THR A 264 -15.70 16.90 -10.27
N LEU A 265 -14.81 16.48 -11.18
CA LEU A 265 -14.86 16.87 -12.57
C LEU A 265 -15.50 15.73 -13.36
N PHE A 266 -16.74 15.92 -13.79
CA PHE A 266 -17.42 14.87 -14.56
C PHE A 266 -16.69 14.65 -15.87
N GLY A 267 -16.47 13.38 -16.19
CA GLY A 267 -15.78 12.99 -17.43
C GLY A 267 -14.27 12.94 -17.32
N ILE A 268 -13.76 13.14 -16.10
CA ILE A 268 -12.32 12.95 -15.83
C ILE A 268 -12.16 11.92 -14.70
N SER A 269 -11.10 11.12 -14.75
CA SER A 269 -10.80 10.19 -13.67
C SER A 269 -9.57 10.69 -12.94
N VAL A 270 -9.78 11.25 -11.76
CA VAL A 270 -8.69 11.78 -10.95
C VAL A 270 -8.12 10.67 -10.08
N LEU A 271 -6.85 10.34 -10.32
CA LEU A 271 -6.12 9.40 -9.48
C LEU A 271 -4.92 10.15 -8.88
N ASP A 272 -5.16 10.85 -7.77
CA ASP A 272 -4.10 11.59 -7.06
C ASP A 272 -2.97 10.62 -6.71
N TYR A 273 -1.74 10.95 -7.11
CA TYR A 273 -0.65 9.99 -6.89
C TYR A 273 -0.34 9.76 -5.42
N ILE A 274 -0.56 10.76 -4.57
CA ILE A 274 -0.36 10.55 -3.13
C ILE A 274 -1.30 9.44 -2.62
N ASP A 275 -2.52 9.39 -3.16
CA ASP A 275 -3.49 8.38 -2.73
C ASP A 275 -3.21 7.01 -3.35
N LEU A 276 -2.78 7.01 -4.61
CA LEU A 276 -2.30 5.79 -5.25
C LEU A 276 -1.13 5.23 -4.43
N TYR A 277 -0.20 6.09 -4.05
CA TYR A 277 0.95 5.66 -3.25
C TYR A 277 0.52 5.08 -1.90
N LYS A 278 -0.33 5.78 -1.18
CA LYS A 278 -0.82 5.28 0.11
C LYS A 278 -1.53 3.93 0.02
N LYS A 279 -2.31 3.72 -1.04
CA LYS A 279 -3.05 2.47 -1.17
C LYS A 279 -2.17 1.30 -1.64
N PHE A 280 -1.27 1.57 -2.58
CA PHE A 280 -0.60 0.50 -3.31
C PHE A 280 0.85 0.25 -2.94
N SER A 281 1.48 1.15 -2.18
CA SER A 281 2.92 1.02 -1.93
C SER A 281 3.27 0.08 -0.77
N PHE A 282 2.33 -0.10 0.16
CA PHE A 282 2.54 -0.86 1.39
C PHE A 282 3.77 -0.38 2.17
N THR A 283 3.79 0.93 2.37
CA THR A 283 4.75 1.60 3.21
C THR A 283 3.92 2.41 4.20
N ASN A 284 4.52 2.79 5.32
CA ASN A 284 3.97 3.86 6.12
C ASN A 284 5.11 4.82 6.35
N GLN A 285 4.98 6.03 5.84
CA GLN A 285 6.08 6.98 5.78
C GLN A 285 5.95 8.03 6.86
N PRO A 286 7.09 8.53 7.38
CA PRO A 286 7.05 9.61 8.37
C PRO A 286 6.54 10.92 7.77
N SER A 287 6.64 11.03 6.44
CA SER A 287 6.21 12.23 5.72
C SER A 287 5.76 11.87 4.31
N TYR A 288 4.74 12.57 3.81
CA TYR A 288 4.26 12.37 2.43
C TYR A 288 4.47 13.57 1.51
N SER A 289 5.46 14.39 1.85
CA SER A 289 5.89 15.43 0.93
C SER A 289 6.56 14.74 -0.25
N LEU A 290 6.37 15.31 -1.45
CA LEU A 290 6.98 14.75 -2.64
C LEU A 290 8.49 14.65 -2.52
N ASP A 291 9.12 15.64 -1.88
CA ASP A 291 10.57 15.58 -1.71
C ASP A 291 10.99 14.38 -0.85
N TYR A 292 10.22 14.10 0.19
CA TYR A 292 10.53 12.97 1.07
C TYR A 292 10.33 11.64 0.33
N ILE A 293 9.20 11.52 -0.38
CA ILE A 293 8.88 10.30 -1.09
C ILE A 293 9.84 10.09 -2.28
N SER A 294 10.19 11.17 -2.96
CA SER A 294 11.13 11.11 -4.08
C SER A 294 12.49 10.58 -3.63
N GLU A 295 12.98 11.13 -2.53
CA GLU A 295 14.21 10.67 -1.91
C GLU A 295 14.11 9.18 -1.57
N PHE A 296 13.01 8.78 -0.94
CA PHE A 296 12.83 7.39 -0.55
C PHE A 296 12.79 6.45 -1.76
N GLU A 297 12.06 6.83 -2.79
CA GLU A 297 11.82 5.94 -3.93
C GLU A 297 12.95 5.93 -4.94
N LEU A 298 13.56 7.10 -5.15
CA LEU A 298 14.46 7.30 -6.30
C LEU A 298 15.88 7.60 -5.91
N ASN A 299 16.10 7.86 -4.62
CA ASN A 299 17.40 8.30 -4.11
C ASN A 299 17.88 9.59 -4.78
N VAL A 300 16.95 10.50 -5.06
CA VAL A 300 17.29 11.82 -5.55
C VAL A 300 17.39 12.78 -4.37
N GLY A 301 18.28 13.76 -4.48
CA GLY A 301 18.46 14.76 -3.43
C GLY A 301 17.30 15.73 -3.38
N LYS A 302 16.96 16.16 -2.17
CA LYS A 302 15.92 17.16 -1.93
C LYS A 302 16.14 18.43 -2.78
N LEU A 303 15.05 18.99 -3.33
CA LEU A 303 15.13 20.24 -4.09
C LEU A 303 15.48 21.42 -3.18
N LYS A 304 16.71 21.92 -3.33
CA LYS A 304 17.29 22.87 -2.39
C LYS A 304 17.15 24.32 -2.87
N TYR A 305 16.65 25.17 -1.98
CA TYR A 305 16.54 26.61 -2.22
C TYR A 305 16.69 27.41 -0.93
N ASP A 306 17.05 28.69 -1.06
CA ASP A 306 17.20 29.58 0.09
C ASP A 306 15.94 30.40 0.30
N GLY A 307 15.64 30.71 1.56
CA GLY A 307 14.46 31.52 1.91
C GLY A 307 13.18 30.72 1.90
N PRO A 308 12.08 31.32 2.38
CA PRO A 308 10.80 30.60 2.37
C PRO A 308 10.25 30.45 0.95
N ILE A 309 9.34 29.50 0.76
CA ILE A 309 8.74 29.25 -0.54
C ILE A 309 7.94 30.47 -1.02
N SER A 310 7.43 31.25 -0.08
CA SER A 310 6.65 32.45 -0.36
C SER A 310 7.49 33.60 -0.95
N LYS A 311 8.81 33.46 -0.91
CA LYS A 311 9.70 34.46 -1.48
C LYS A 311 10.55 33.91 -2.63
N LEU A 312 10.39 32.63 -2.93
CA LEU A 312 11.20 31.99 -3.97
C LEU A 312 10.97 32.57 -5.36
N ARG A 313 9.72 32.86 -5.69
CA ARG A 313 9.44 33.36 -7.03
C ARG A 313 10.16 34.70 -7.28
N GLU A 314 10.01 35.64 -6.35
CA GLU A 314 10.60 36.97 -6.54
C GLU A 314 12.13 36.98 -6.44
N SER A 315 12.67 36.09 -5.61
CA SER A 315 14.11 36.06 -5.40
C SER A 315 14.82 35.20 -6.46
N ASN A 316 14.16 34.12 -6.88
CA ASN A 316 14.79 33.19 -7.82
C ASN A 316 13.75 32.46 -8.67
N HIS A 317 13.07 33.22 -9.52
CA HIS A 317 12.05 32.71 -10.44
C HIS A 317 12.57 31.60 -11.34
N GLN A 318 13.82 31.72 -11.74
CA GLN A 318 14.48 30.69 -12.55
C GLN A 318 14.35 29.31 -11.86
N ARG A 319 14.81 29.24 -10.61
CA ARG A 319 14.74 28.03 -9.81
C ARG A 319 13.29 27.63 -9.51
N TYR A 320 12.46 28.63 -9.24
CA TYR A 320 11.03 28.45 -8.98
C TYR A 320 10.32 27.66 -10.07
N ILE A 321 10.55 28.05 -11.33
CA ILE A 321 9.96 27.33 -12.47
C ILE A 321 10.59 25.94 -12.64
N SER A 322 11.92 25.88 -12.56
CA SER A 322 12.62 24.61 -12.72
C SER A 322 12.13 23.57 -11.72
N TYR A 323 11.91 24.00 -10.48
CA TYR A 323 11.48 23.07 -9.44
C TYR A 323 10.06 22.62 -9.65
N ASN A 324 9.24 23.51 -10.22
CA ASN A 324 7.88 23.13 -10.62
C ASN A 324 7.91 22.03 -11.70
N ILE A 325 8.78 22.18 -12.69
CA ILE A 325 8.95 21.16 -13.75
C ILE A 325 9.45 19.82 -13.17
N ILE A 326 10.48 19.89 -12.33
CA ILE A 326 11.07 18.72 -11.71
C ILE A 326 10.07 17.97 -10.83
N ALA A 327 9.26 18.73 -10.09
CA ALA A 327 8.20 18.14 -9.27
C ALA A 327 7.28 17.23 -10.11
N VAL A 328 6.87 17.70 -11.28
CA VAL A 328 6.04 16.89 -12.20
C VAL A 328 6.80 15.65 -12.66
N TYR A 329 8.05 15.83 -13.06
CA TYR A 329 8.87 14.72 -13.52
C TYR A 329 9.08 13.65 -12.45
N ARG A 330 9.25 14.08 -11.19
CA ARG A 330 9.47 13.15 -10.08
CA ARG A 330 9.48 13.13 -10.12
C ARG A 330 8.30 12.17 -9.93
N VAL A 331 7.09 12.67 -10.07
CA VAL A 331 5.91 11.78 -10.02
C VAL A 331 5.95 10.76 -11.18
N LEU A 332 6.32 11.20 -12.37
CA LEU A 332 6.48 10.28 -13.51
C LEU A 332 7.57 9.25 -13.24
N GLN A 333 8.65 9.66 -12.58
CA GLN A 333 9.73 8.73 -12.24
C GLN A 333 9.28 7.70 -11.21
N ILE A 334 8.54 8.16 -10.21
CA ILE A 334 7.99 7.25 -9.21
C ILE A 334 7.07 6.25 -9.91
N ASP A 335 6.22 6.74 -10.82
CA ASP A 335 5.34 5.84 -11.57
C ASP A 335 6.07 4.88 -12.51
N ALA A 336 7.12 5.34 -13.19
CA ALA A 336 7.95 4.44 -14.00
C ALA A 336 8.44 3.26 -13.16
N LYS A 337 8.76 3.54 -11.90
CA LYS A 337 9.21 2.51 -10.97
C LYS A 337 8.05 1.66 -10.42
N ARG A 338 7.07 2.31 -9.81
CA ARG A 338 6.02 1.60 -9.07
C ARG A 338 4.89 1.06 -9.95
N GLN A 339 4.60 1.77 -11.04
CA GLN A 339 3.62 1.34 -12.04
C GLN A 339 2.19 1.27 -11.49
N PHE A 340 1.86 2.27 -10.68
CA PHE A 340 0.54 2.30 -10.05
C PHE A 340 -0.55 2.72 -11.03
N ILE A 341 -0.22 3.57 -12.01
CA ILE A 341 -1.19 3.94 -13.05
C ILE A 341 -1.58 2.70 -13.89
N ASN A 342 -0.56 1.97 -14.33
CA ASN A 342 -0.73 0.69 -15.03
C ASN A 342 -1.63 -0.29 -14.26
N LEU A 343 -1.35 -0.45 -12.96
CA LEU A 343 -2.17 -1.26 -12.07
C LEU A 343 -3.63 -0.81 -12.03
N SER A 344 -3.84 0.49 -11.96
CA SER A 344 -5.18 1.05 -11.83
C SER A 344 -6.00 0.78 -13.09
N LEU A 345 -5.36 0.98 -14.23
CA LEU A 345 -6.02 0.71 -15.51
C LEU A 345 -6.36 -0.77 -15.65
N ASP A 346 -5.40 -1.65 -15.31
CA ASP A 346 -5.62 -3.10 -15.31
C ASP A 346 -6.86 -3.49 -14.49
N MET A 347 -6.91 -3.05 -13.23
CA MET A 347 -8.00 -3.42 -12.32
C MET A 347 -9.32 -2.79 -12.72
N GLY A 348 -9.26 -1.51 -13.09
CA GLY A 348 -10.45 -0.77 -13.51
C GLY A 348 -11.14 -1.39 -14.71
N TYR A 349 -10.36 -1.70 -15.74
CA TYR A 349 -10.93 -2.32 -16.94
C TYR A 349 -11.38 -3.75 -16.69
N TYR A 350 -10.66 -4.47 -15.83
CA TYR A 350 -11.03 -5.83 -15.47
C TYR A 350 -12.41 -5.86 -14.84
N ALA A 351 -12.63 -4.96 -13.90
CA ALA A 351 -13.89 -4.90 -13.15
C ALA A 351 -15.01 -4.24 -13.93
N LYS A 352 -14.64 -3.45 -14.94
CA LYS A 352 -15.58 -2.61 -15.72
C LYS A 352 -16.20 -1.51 -14.84
N ILE A 353 -15.32 -0.70 -14.25
CA ILE A 353 -15.70 0.39 -13.37
C ILE A 353 -15.03 1.67 -13.87
N GLN A 354 -15.49 2.83 -13.38
CA GLN A 354 -14.73 4.06 -13.52
C GLN A 354 -13.36 3.79 -12.92
N ILE A 355 -12.30 4.23 -13.60
CA ILE A 355 -10.94 3.92 -13.13
C ILE A 355 -10.73 4.39 -11.68
N GLN A 356 -11.24 5.57 -11.32
CA GLN A 356 -11.07 6.09 -9.94
C GLN A 356 -11.70 5.21 -8.86
N SER A 357 -12.58 4.29 -9.27
CA SER A 357 -13.17 3.35 -8.32
C SER A 357 -12.22 2.25 -7.84
N VAL A 358 -11.01 2.16 -8.41
CA VAL A 358 -10.02 1.16 -7.92
C VAL A 358 -9.64 1.44 -6.46
N PHE A 359 -9.92 2.65 -5.98
CA PHE A 359 -9.68 2.97 -4.58
C PHE A 359 -10.66 2.24 -3.64
N SER A 360 -11.75 1.72 -4.19
CA SER A 360 -12.79 1.08 -3.39
C SER A 360 -12.93 -0.40 -3.73
N PRO A 361 -12.42 -1.29 -2.86
CA PRO A 361 -12.58 -2.73 -3.07
C PRO A 361 -14.05 -3.16 -3.11
N ILE A 362 -14.91 -2.47 -2.38
CA ILE A 362 -16.36 -2.76 -2.39
C ILE A 362 -16.98 -2.50 -3.76
N LYS A 363 -16.70 -1.34 -4.34
CA LYS A 363 -17.16 -1.00 -5.67
C LYS A 363 -16.58 -1.95 -6.74
N THR A 364 -15.30 -2.28 -6.58
CA THR A 364 -14.59 -3.15 -7.51
C THR A 364 -15.20 -4.56 -7.52
N TRP A 365 -15.41 -5.12 -6.34
CA TRP A 365 -16.03 -6.43 -6.24
C TRP A 365 -17.48 -6.43 -6.60
N ASP A 366 -18.19 -5.36 -6.26
CA ASP A 366 -19.60 -5.25 -6.67
C ASP A 366 -19.72 -5.39 -8.19
N ALA A 367 -18.89 -4.67 -8.93
CA ALA A 367 -18.88 -4.74 -10.39
C ALA A 367 -18.43 -6.07 -10.97
N ILE A 368 -17.34 -6.64 -10.43
CA ILE A 368 -16.86 -7.96 -10.91
C ILE A 368 -17.98 -8.99 -10.74
N ILE A 369 -18.59 -9.02 -9.56
CA ILE A 369 -19.63 -10.01 -9.26
C ILE A 369 -20.88 -9.79 -10.11
N PHE A 370 -21.26 -8.53 -10.29
CA PHE A 370 -22.42 -8.20 -11.13
C PHE A 370 -22.21 -8.68 -12.57
N ASN A 371 -21.05 -8.38 -13.14
CA ASN A 371 -20.76 -8.80 -14.51
C ASN A 371 -20.75 -10.31 -14.66
N SER A 372 -20.20 -10.99 -13.66
CA SER A 372 -20.17 -12.44 -13.61
C SER A 372 -21.59 -13.03 -13.59
N LEU A 373 -22.43 -12.53 -12.70
CA LEU A 373 -23.81 -13.02 -12.57
C LEU A 373 -24.69 -12.66 -13.77
N LYS A 374 -24.47 -11.46 -14.32
CA LYS A 374 -25.21 -11.02 -15.52
C LYS A 374 -25.02 -11.97 -16.69
N GLU A 375 -23.79 -12.47 -16.86
CA GLU A 375 -23.44 -13.46 -17.88
C GLU A 375 -24.32 -14.71 -17.89
N GLN A 376 -24.91 -15.04 -16.75
CA GLN A 376 -25.75 -16.21 -16.61
C GLN A 376 -27.22 -15.82 -16.46
N ASN A 377 -27.53 -14.57 -16.79
CA ASN A 377 -28.89 -14.01 -16.62
C ASN A 377 -29.38 -14.00 -15.17
N LYS A 378 -28.43 -14.02 -14.24
CA LYS A 378 -28.77 -13.93 -12.83
C LYS A 378 -28.84 -12.47 -12.39
N VAL A 379 -29.63 -12.24 -11.35
CA VAL A 379 -29.98 -10.89 -10.94
C VAL A 379 -29.48 -10.63 -9.52
N ILE A 380 -28.74 -9.55 -9.34
CA ILE A 380 -28.09 -9.26 -8.06
C ILE A 380 -29.12 -8.73 -7.04
N PRO A 381 -28.93 -9.02 -5.73
CA PRO A 381 -29.86 -8.55 -4.70
C PRO A 381 -29.71 -7.04 -4.44
N GLN A 382 -30.74 -6.45 -3.85
CA GLN A 382 -30.63 -5.06 -3.41
C GLN A 382 -29.70 -4.94 -2.22
N GLY A 383 -28.89 -3.89 -2.20
CA GLY A 383 -28.10 -3.55 -1.01
C GLY A 383 -29.03 -3.16 0.12
N ARG A 384 -28.69 -3.61 1.33
CA ARG A 384 -29.50 -3.34 2.53
C ARG A 384 -28.70 -2.61 3.60
N SER A 385 -29.42 -1.97 4.53
CA SER A 385 -28.83 -1.34 5.69
C SER A 385 -28.51 -2.39 6.76
N HIS A 386 -27.30 -2.31 7.33
CA HIS A 386 -26.93 -3.17 8.47
C HIS A 386 -26.23 -2.38 9.53
N PRO A 387 -26.50 -2.69 10.81
CA PRO A 387 -25.72 -2.06 11.89
C PRO A 387 -24.30 -2.64 11.96
N VAL A 388 -23.32 -1.80 12.29
CA VAL A 388 -21.93 -2.27 12.41
C VAL A 388 -21.79 -3.14 13.66
N GLN A 389 -21.29 -4.36 13.47
CA GLN A 389 -21.12 -5.32 14.54
C GLN A 389 -19.70 -5.88 14.53
N PRO A 390 -19.05 -5.97 15.70
CA PRO A 390 -17.75 -6.66 15.78
C PRO A 390 -17.88 -8.15 15.48
N TYR A 391 -16.84 -8.72 14.88
CA TYR A 391 -16.78 -10.16 14.65
C TYR A 391 -15.34 -10.65 14.81
N PRO A 392 -15.16 -11.95 15.12
CA PRO A 392 -13.83 -12.47 15.45
C PRO A 392 -12.92 -12.69 14.25
N GLY A 393 -11.62 -12.58 14.48
CA GLY A 393 -10.63 -12.67 13.42
C GLY A 393 -9.71 -13.86 13.59
N ALA A 394 -8.41 -13.59 13.41
CA ALA A 394 -7.39 -14.62 13.42
C ALA A 394 -7.00 -15.06 14.83
N PHE A 395 -6.39 -16.24 14.91
CA PHE A 395 -5.72 -16.71 16.11
C PHE A 395 -4.24 -16.38 16.02
N VAL A 396 -3.68 -15.97 17.15
CA VAL A 396 -2.26 -15.69 17.25
C VAL A 396 -1.75 -16.43 18.50
N LYS A 397 -0.72 -17.25 18.33
CA LYS A 397 -0.18 -18.03 19.44
C LYS A 397 0.70 -17.16 20.33
N GLU A 398 0.57 -17.30 21.65
CA GLU A 398 1.49 -16.62 22.56
C GLU A 398 2.86 -17.31 22.59
N PRO A 399 3.93 -16.64 22.11
CA PRO A 399 5.21 -17.33 22.13
C PRO A 399 5.90 -17.18 23.50
N ILE A 400 6.71 -18.16 23.88
CA ILE A 400 7.58 -18.01 25.05
C ILE A 400 8.72 -17.08 24.63
N PRO A 401 8.85 -15.90 25.28
CA PRO A 401 9.93 -15.00 24.86
C PRO A 401 11.27 -15.68 25.08
N ASN A 402 12.13 -15.65 24.08
CA ASN A 402 13.39 -16.39 24.12
C ASN A 402 14.18 -16.16 22.84
N ARG A 403 15.44 -16.55 22.86
CA ARG A 403 16.18 -16.77 21.62
C ARG A 403 15.70 -18.09 21.04
N TYR A 404 15.76 -18.19 19.71
CA TYR A 404 15.46 -19.41 18.97
C TYR A 404 16.51 -19.51 17.87
N LYS A 405 17.38 -20.51 17.99
CA LYS A 405 18.56 -20.62 17.14
C LYS A 405 18.26 -20.96 15.66
N TYR A 406 17.59 -22.09 15.43
CA TYR A 406 17.22 -22.52 14.08
C TYR A 406 15.70 -22.54 13.93
N VAL A 407 15.21 -21.83 12.91
CA VAL A 407 13.77 -21.72 12.68
C VAL A 407 13.45 -21.95 11.21
N MET A 408 12.39 -22.72 10.96
CA MET A 408 11.79 -22.85 9.64
C MET A 408 10.36 -22.38 9.76
N SER A 409 9.92 -21.54 8.83
CA SER A 409 8.55 -21.07 8.88
C SER A 409 7.76 -21.55 7.67
N PHE A 410 6.45 -21.69 7.87
CA PHE A 410 5.54 -22.10 6.82
C PHE A 410 4.28 -21.25 6.92
N ASP A 411 3.67 -20.95 5.78
CA ASP A 411 2.37 -20.32 5.80
C ASP A 411 1.53 -20.59 4.55
N LEU A 412 0.22 -20.44 4.69
CA LEU A 412 -0.73 -20.74 3.62
C LEU A 412 -0.62 -19.74 2.49
N THR A 413 -0.64 -20.23 1.26
CA THR A 413 -0.74 -19.36 0.09
C THR A 413 -2.13 -18.74 0.06
N SER A 414 -2.19 -17.42 -0.10
CA SER A 414 -3.45 -16.67 -0.14
C SER A 414 -4.49 -17.29 0.79
N ALA A 415 -4.23 -17.16 2.10
CA ALA A 415 -4.97 -17.91 3.10
C ALA A 415 -6.48 -17.74 3.04
N TYR A 416 -6.97 -16.51 3.21
CA TYR A 416 -8.42 -16.31 3.28
C TYR A 416 -9.12 -16.62 1.95
N PRO A 417 -8.52 -16.20 0.80
CA PRO A 417 -9.10 -16.59 -0.48
C PRO A 417 -9.11 -18.09 -0.70
N SER A 418 -8.06 -18.79 -0.30
CA SER A 418 -8.02 -20.27 -0.40
C SER A 418 -9.10 -20.92 0.46
N ILE A 419 -9.36 -20.35 1.65
CA ILE A 419 -10.45 -20.82 2.51
C ILE A 419 -11.81 -20.64 1.84
N ILE A 420 -12.03 -19.47 1.24
CA ILE A 420 -13.26 -19.21 0.51
C ILE A 420 -13.48 -20.24 -0.60
N ARG A 421 -12.40 -20.55 -1.32
CA ARG A 421 -12.46 -21.46 -2.44
C ARG A 421 -12.69 -22.89 -1.94
N GLN A 422 -11.96 -23.27 -0.89
CA GLN A 422 -12.01 -24.64 -0.36
C GLN A 422 -13.39 -24.95 0.23
N VAL A 423 -13.90 -24.03 1.05
CA VAL A 423 -15.16 -24.22 1.74
C VAL A 423 -16.35 -23.93 0.81
N ASN A 424 -16.11 -23.14 -0.24
CA ASN A 424 -17.13 -22.68 -1.18
C ASN A 424 -18.05 -21.61 -0.57
N ILE A 425 -17.43 -20.62 0.06
CA ILE A 425 -18.14 -19.57 0.78
C ILE A 425 -18.61 -18.48 -0.18
N SER A 426 -19.92 -18.28 -0.26
CA SER A 426 -20.52 -17.33 -1.21
C SER A 426 -21.93 -17.01 -0.72
N PRO A 427 -22.48 -15.83 -1.09
CA PRO A 427 -23.86 -15.53 -0.69
C PRO A 427 -24.87 -16.61 -1.10
N GLU A 428 -24.73 -17.13 -2.31
CA GLU A 428 -25.74 -18.06 -2.85
C GLU A 428 -25.45 -19.53 -2.57
N THR A 429 -24.38 -19.83 -1.84
CA THR A 429 -24.04 -21.23 -1.58
C THR A 429 -24.32 -21.67 -0.15
N ILE A 430 -24.85 -20.75 0.66
CA ILE A 430 -25.25 -21.10 2.02
C ILE A 430 -26.29 -22.21 1.96
N ALA A 431 -25.98 -23.34 2.57
CA ALA A 431 -26.87 -24.51 2.58
C ALA A 431 -27.58 -24.69 3.91
N GLY A 432 -27.06 -24.07 4.96
CA GLY A 432 -27.68 -24.19 6.28
C GLY A 432 -26.66 -24.07 7.40
N THR A 433 -27.02 -24.56 8.58
CA THR A 433 -26.13 -24.52 9.73
C THR A 433 -26.04 -25.89 10.40
N PHE A 434 -25.01 -26.10 11.22
CA PHE A 434 -24.93 -27.27 12.09
C PHE A 434 -24.61 -26.84 13.51
N LYS A 435 -24.84 -27.74 14.46
CA LYS A 435 -24.62 -27.47 15.87
C LYS A 435 -23.13 -27.47 16.19
N VAL A 436 -22.60 -26.31 16.59
CA VAL A 436 -21.16 -26.17 16.76
C VAL A 436 -20.65 -26.66 18.12
N ALA A 437 -19.53 -27.36 18.08
CA ALA A 437 -18.78 -27.73 19.26
C ALA A 437 -17.76 -26.63 19.53
N PRO A 438 -17.20 -26.57 20.76
CA PRO A 438 -16.08 -25.67 20.98
C PRO A 438 -14.98 -25.88 19.94
N LEU A 439 -14.31 -24.79 19.53
CA LEU A 439 -13.28 -24.86 18.49
C LEU A 439 -12.20 -25.91 18.78
N HIS A 440 -11.78 -25.95 20.04
CA HIS A 440 -10.79 -26.91 20.55
C HIS A 440 -11.15 -28.34 20.17
N ASP A 441 -12.43 -28.65 20.17
CA ASP A 441 -12.89 -29.99 19.78
C ASP A 441 -12.71 -30.31 18.30
N TYR A 442 -12.83 -29.30 17.45
CA TYR A 442 -12.51 -29.50 16.04
C TYR A 442 -11.01 -29.58 15.85
N ILE A 443 -10.28 -28.64 16.47
CA ILE A 443 -8.82 -28.60 16.39
C ILE A 443 -8.24 -29.97 16.74
N ASN A 444 -8.81 -30.59 17.78
CA ASN A 444 -8.33 -31.89 18.24
C ASN A 444 -9.08 -33.08 17.67
N ALA A 445 -9.92 -32.82 16.66
CA ALA A 445 -10.64 -33.88 15.94
C ALA A 445 -11.47 -34.80 16.85
N VAL A 446 -12.07 -34.24 17.89
CA VAL A 446 -12.94 -35.03 18.75
C VAL A 446 -14.41 -34.69 18.55
N ALA A 447 -14.69 -33.51 18.00
CA ALA A 447 -16.06 -33.14 17.69
C ALA A 447 -16.62 -34.06 16.60
N GLU A 448 -17.94 -34.24 16.62
CA GLU A 448 -18.65 -34.96 15.58
C GLU A 448 -18.43 -34.26 14.23
N ARG A 449 -18.31 -35.07 13.17
CA ARG A 449 -18.20 -34.55 11.82
C ARG A 449 -19.43 -33.69 11.52
N PRO A 450 -19.22 -32.41 11.13
CA PRO A 450 -20.32 -31.46 10.95
C PRO A 450 -21.38 -31.89 9.94
N SER A 451 -20.96 -32.39 8.77
CA SER A 451 -21.92 -32.76 7.71
C SER A 451 -21.36 -33.86 6.82
N ASP A 452 -22.25 -34.75 6.37
CA ASP A 452 -21.93 -35.75 5.36
C ASP A 452 -22.47 -35.33 4.00
N VAL A 453 -22.92 -34.08 3.89
CA VAL A 453 -23.57 -33.60 2.66
C VAL A 453 -22.94 -32.30 2.15
N TYR A 454 -22.68 -31.39 3.10
CA TYR A 454 -22.28 -30.03 2.78
C TYR A 454 -20.86 -29.71 3.24
N SER A 455 -20.29 -28.65 2.67
CA SER A 455 -18.92 -28.22 3.00
C SER A 455 -18.98 -27.24 4.16
N CYS A 456 -18.17 -27.47 5.19
CA CYS A 456 -18.39 -26.78 6.48
C CYS A 456 -17.24 -25.92 6.99
N SER A 457 -17.62 -24.89 7.74
CA SER A 457 -16.70 -24.11 8.53
C SER A 457 -17.06 -24.29 10.00
N PRO A 458 -16.05 -24.32 10.90
CA PRO A 458 -16.36 -24.55 12.33
C PRO A 458 -17.11 -23.40 13.04
N ASN A 459 -17.50 -22.35 12.33
CA ASN A 459 -18.45 -21.38 12.90
C ASN A 459 -19.91 -21.87 12.84
N GLY A 460 -20.12 -23.04 12.21
CA GLY A 460 -21.46 -23.62 12.13
C GLY A 460 -22.14 -23.51 10.78
N MET A 461 -21.46 -22.93 9.80
CA MET A 461 -22.06 -22.74 8.48
C MET A 461 -21.80 -23.93 7.57
N MET A 462 -22.77 -24.21 6.70
CA MET A 462 -22.65 -25.26 5.69
C MET A 462 -22.91 -24.67 4.31
N TYR A 463 -22.19 -25.20 3.30
CA TYR A 463 -22.24 -24.68 1.94
C TYR A 463 -22.47 -25.78 0.90
N TYR A 464 -23.14 -25.44 -0.18
CA TYR A 464 -23.36 -26.40 -1.28
C TYR A 464 -22.04 -26.85 -1.87
N LYS A 465 -22.02 -28.11 -2.31
CA LYS A 465 -20.84 -28.68 -2.95
C LYS A 465 -21.05 -28.95 -4.44
N ASP A 466 -22.25 -28.74 -4.96
CA ASP A 466 -22.57 -29.15 -6.33
C ASP A 466 -21.98 -28.22 -7.40
N ARG A 467 -21.73 -26.96 -7.02
CA ARG A 467 -21.30 -25.94 -7.96
C ARG A 467 -20.57 -24.85 -7.19
N ASP A 468 -19.59 -24.23 -7.84
CA ASP A 468 -18.86 -23.10 -7.28
C ASP A 468 -19.75 -21.87 -7.14
N GLY A 469 -19.65 -21.20 -5.99
CA GLY A 469 -20.29 -19.92 -5.82
C GLY A 469 -19.62 -18.86 -6.67
N VAL A 470 -20.31 -17.75 -6.90
CA VAL A 470 -19.76 -16.65 -7.70
C VAL A 470 -18.52 -16.05 -7.01
N VAL A 471 -18.54 -16.00 -5.68
CA VAL A 471 -17.37 -15.47 -4.94
C VAL A 471 -16.12 -16.35 -5.14
N PRO A 472 -16.22 -17.68 -4.86
CA PRO A 472 -15.09 -18.54 -5.20
C PRO A 472 -14.66 -18.48 -6.67
N THR A 473 -15.61 -18.47 -7.61
CA THR A 473 -15.26 -18.38 -9.03
C THR A 473 -14.43 -17.13 -9.38
N GLU A 474 -14.90 -15.97 -8.94
CA GLU A 474 -14.24 -14.72 -9.29
C GLU A 474 -12.95 -14.50 -8.51
N ILE A 475 -12.94 -14.90 -7.24
CA ILE A 475 -11.73 -14.78 -6.43
C ILE A 475 -10.59 -15.63 -7.02
N THR A 476 -10.95 -16.79 -7.58
CA THR A 476 -10.00 -17.70 -8.22
C THR A 476 -9.34 -17.07 -9.43
N LYS A 477 -10.14 -16.36 -10.23
CA LYS A 477 -9.63 -15.67 -11.41
C LYS A 477 -8.56 -14.65 -11.05
N VAL A 478 -8.82 -13.82 -10.04
CA VAL A 478 -7.83 -12.83 -9.63
C VAL A 478 -6.64 -13.48 -8.93
N PHE A 479 -6.89 -14.53 -8.13
CA PHE A 479 -5.79 -15.27 -7.50
C PHE A 479 -4.82 -15.82 -8.55
N ASN A 480 -5.36 -16.40 -9.61
CA ASN A 480 -4.54 -16.89 -10.70
C ASN A 480 -3.68 -15.79 -11.35
N GLN A 481 -4.23 -14.59 -11.50
CA GLN A 481 -3.44 -13.47 -12.00
C GLN A 481 -2.32 -13.12 -11.02
N ARG A 482 -2.67 -13.04 -9.73
CA ARG A 482 -1.69 -12.73 -8.68
C ARG A 482 -0.52 -13.72 -8.74
N LYS A 483 -0.85 -15.00 -8.90
CA LYS A 483 0.14 -16.08 -8.92
C LYS A 483 1.12 -15.94 -10.08
N GLU A 484 0.61 -15.55 -11.25
CA GLU A 484 1.45 -15.27 -12.41
C GLU A 484 2.47 -14.16 -12.11
N HIS A 485 2.01 -13.06 -11.55
CA HIS A 485 2.89 -11.93 -11.27
C HIS A 485 3.85 -12.18 -10.15
N LYS A 486 3.43 -12.96 -9.15
CA LYS A 486 4.33 -13.32 -8.06
C LYS A 486 5.47 -14.17 -8.60
N GLY A 487 5.15 -15.00 -9.60
CA GLY A 487 6.15 -15.81 -10.27
C GLY A 487 7.24 -14.94 -10.89
N TYR A 488 6.82 -13.87 -11.58
CA TYR A 488 7.77 -12.95 -12.21
C TYR A 488 8.59 -12.21 -11.16
N MET A 489 7.93 -11.81 -10.07
CA MET A 489 8.61 -11.09 -9.00
C MET A 489 9.72 -11.94 -8.39
N LEU A 490 9.39 -13.19 -8.09
CA LEU A 490 10.33 -14.12 -7.44
C LEU A 490 11.51 -14.49 -8.33
N ALA A 491 11.25 -14.68 -9.63
CA ALA A 491 12.33 -14.91 -10.58
C ALA A 491 13.29 -13.71 -10.63
N ALA A 492 12.73 -12.49 -10.65
CA ALA A 492 13.55 -11.27 -10.72
C ALA A 492 14.43 -11.15 -9.47
N GLN A 493 13.84 -11.54 -8.35
CA GLN A 493 14.53 -11.56 -7.09
C GLN A 493 15.69 -12.56 -7.10
N ARG A 494 15.45 -13.78 -7.57
CA ARG A 494 16.50 -14.80 -7.65
C ARG A 494 17.57 -14.37 -8.64
N ASN A 495 17.15 -13.75 -9.74
CA ASN A 495 18.06 -13.19 -10.73
C ASN A 495 18.95 -12.10 -10.14
N GLY A 496 18.35 -11.26 -9.30
CA GLY A 496 19.10 -10.25 -8.55
C GLY A 496 20.19 -10.87 -7.70
N GLU A 497 19.89 -11.99 -7.04
CA GLU A 497 20.90 -12.65 -6.19
C GLU A 497 22.06 -13.22 -7.00
N ILE A 498 21.79 -13.71 -8.21
CA ILE A 498 22.86 -14.18 -9.10
C ILE A 498 23.81 -13.02 -9.45
N ILE A 499 23.26 -11.85 -9.74
CA ILE A 499 24.06 -10.67 -10.07
C ILE A 499 24.90 -10.18 -8.88
N LYS A 500 24.31 -10.23 -7.69
CA LYS A 500 25.03 -9.89 -6.46
C LYS A 500 26.21 -10.81 -6.21
N GLU A 501 26.04 -12.10 -6.50
CA GLU A 501 27.14 -13.07 -6.38
C GLU A 501 28.24 -12.75 -7.38
N ALA A 502 27.86 -12.49 -8.62
CA ALA A 502 28.82 -12.18 -9.69
C ALA A 502 29.61 -10.92 -9.38
N LEU A 503 28.96 -9.98 -8.69
CA LEU A 503 29.61 -8.74 -8.27
C LEU A 503 30.79 -8.91 -7.31
N HIS A 504 30.93 -10.09 -6.71
CA HIS A 504 32.12 -10.40 -5.89
C HIS A 504 33.35 -10.51 -6.74
N ASN A 505 33.18 -10.90 -8.00
CA ASN A 505 34.31 -11.04 -8.94
C ASN A 505 34.09 -10.30 -10.27
N PRO A 506 34.00 -8.96 -10.24
CA PRO A 506 33.76 -8.22 -11.48
C PRO A 506 35.00 -8.18 -12.39
N ASN A 507 34.80 -8.37 -13.69
CA ASN A 507 35.89 -8.40 -14.65
C ASN A 507 36.34 -7.00 -15.04
N LEU A 508 37.64 -6.88 -15.32
CA LEU A 508 38.22 -5.63 -15.76
C LEU A 508 38.13 -5.53 -17.27
N SER A 509 37.01 -4.97 -17.73
CA SER A 509 36.72 -4.82 -19.16
C SER A 509 35.66 -3.75 -19.38
N VAL A 510 35.47 -3.38 -20.63
CA VAL A 510 34.39 -2.47 -21.02
C VAL A 510 33.42 -3.29 -21.86
N ASP A 511 32.16 -3.33 -21.40
CA ASP A 511 31.12 -4.12 -22.03
C ASP A 511 29.75 -3.51 -21.71
N GLU A 512 28.69 -4.22 -22.09
CA GLU A 512 27.34 -3.72 -21.91
C GLU A 512 26.52 -4.64 -21.02
N PRO A 513 25.46 -4.10 -20.38
CA PRO A 513 24.49 -4.99 -19.72
C PRO A 513 23.84 -5.89 -20.78
N LEU A 514 23.60 -7.15 -20.41
CA LEU A 514 22.93 -8.11 -21.27
C LEU A 514 21.45 -7.77 -21.46
N ASP A 515 20.93 -7.98 -22.67
CA ASP A 515 19.53 -7.73 -22.96
C ASP A 515 18.69 -8.97 -22.60
N VAL A 516 18.13 -8.96 -21.39
CA VAL A 516 17.42 -10.13 -20.88
C VAL A 516 16.05 -9.77 -20.31
N ASP A 517 15.18 -10.76 -20.21
CA ASP A 517 13.91 -10.63 -19.48
C ASP A 517 14.05 -11.13 -18.03
N TYR A 518 14.08 -10.20 -17.09
CA TYR A 518 14.38 -10.52 -15.69
C TYR A 518 13.23 -11.24 -14.97
N ARG A 519 12.08 -11.31 -15.63
CA ARG A 519 10.91 -12.03 -15.09
C ARG A 519 11.09 -13.55 -15.16
N PHE A 520 12.14 -14.02 -15.85
CA PHE A 520 12.37 -15.46 -16.00
C PHE A 520 13.75 -15.83 -15.49
N ASP A 521 13.86 -16.97 -14.81
CA ASP A 521 15.14 -17.40 -14.24
C ASP A 521 16.20 -17.43 -15.33
N PHE A 522 17.37 -16.88 -15.02
CA PHE A 522 18.44 -16.78 -16.02
C PHE A 522 18.85 -18.18 -16.46
N SER A 523 18.96 -18.36 -17.77
CA SER A 523 19.47 -19.58 -18.35
C SER A 523 20.95 -19.76 -17.99
N ASP A 524 21.47 -20.96 -18.24
CA ASP A 524 22.90 -21.24 -18.02
C ASP A 524 23.80 -20.36 -18.89
N GLU A 525 23.34 -20.09 -20.11
CA GLU A 525 24.03 -19.22 -21.06
C GLU A 525 24.18 -17.81 -20.49
N ILE A 526 23.08 -17.27 -19.99
CA ILE A 526 23.08 -15.94 -19.36
C ILE A 526 23.99 -15.91 -18.12
N LYS A 527 23.89 -16.93 -17.28
CA LYS A 527 24.73 -17.03 -16.09
C LYS A 527 26.21 -17.04 -16.42
N GLU A 528 26.58 -17.72 -17.50
CA GLU A 528 27.98 -17.76 -17.93
C GLU A 528 28.48 -16.38 -18.36
N LYS A 529 27.64 -15.66 -19.12
CA LYS A 529 28.00 -14.32 -19.59
C LYS A 529 28.12 -13.31 -18.45
N ILE A 530 27.24 -13.47 -17.46
CA ILE A 530 27.25 -12.63 -16.26
C ILE A 530 28.58 -12.70 -15.50
N LYS A 531 29.14 -13.91 -15.40
CA LYS A 531 30.41 -14.14 -14.72
C LYS A 531 31.62 -13.48 -15.41
N LYS A 532 31.40 -12.95 -16.61
CA LYS A 532 32.46 -12.30 -17.37
C LYS A 532 32.26 -10.80 -17.48
N LEU A 533 31.19 -10.27 -16.89
CA LEU A 533 30.86 -8.85 -17.00
C LEU A 533 31.59 -7.92 -16.02
N SER A 534 31.69 -6.65 -16.41
CA SER A 534 32.26 -5.59 -15.58
C SER A 534 31.32 -5.24 -14.44
N ALA A 535 31.86 -4.61 -13.40
CA ALA A 535 31.07 -4.08 -12.30
C ALA A 535 30.01 -3.10 -12.81
N LYS A 536 30.39 -2.23 -13.73
CA LYS A 536 29.46 -1.23 -14.27
C LYS A 536 28.25 -1.89 -14.93
N SER A 537 28.51 -2.89 -15.79
CA SER A 537 27.41 -3.62 -16.44
C SER A 537 26.58 -4.42 -15.43
N LEU A 538 27.25 -5.09 -14.50
CA LEU A 538 26.57 -5.86 -13.45
C LEU A 538 25.64 -5.00 -12.60
N ASN A 539 26.11 -3.82 -12.22
CA ASN A 539 25.32 -2.88 -11.44
C ASN A 539 24.10 -2.36 -12.18
N GLU A 540 24.26 -2.09 -13.46
CA GLU A 540 23.12 -1.68 -14.28
C GLU A 540 22.12 -2.84 -14.37
N MET A 541 22.62 -4.05 -14.57
CA MET A 541 21.74 -5.23 -14.58
C MET A 541 21.00 -5.44 -13.25
N LEU A 542 21.70 -5.19 -12.13
CA LEU A 542 21.09 -5.32 -10.81
C LEU A 542 19.97 -4.31 -10.65
N PHE A 543 20.22 -3.07 -11.08
CA PHE A 543 19.22 -2.02 -11.03
C PHE A 543 17.98 -2.45 -11.83
N ARG A 544 18.20 -2.99 -13.02
CA ARG A 544 17.11 -3.43 -13.90
C ARG A 544 16.35 -4.64 -13.34
N ALA A 545 17.08 -5.57 -12.70
CA ALA A 545 16.49 -6.73 -12.05
C ALA A 545 15.59 -6.28 -10.89
N GLN A 546 16.12 -5.36 -10.08
CA GLN A 546 15.35 -4.80 -8.96
C GLN A 546 14.15 -3.98 -9.41
N ARG A 547 14.27 -3.27 -10.52
CA ARG A 547 13.10 -2.59 -11.11
C ARG A 547 12.05 -3.61 -11.59
N THR A 548 12.49 -4.70 -12.20
CA THR A 548 11.57 -5.77 -12.58
C THR A 548 10.88 -6.38 -11.37
N GLU A 549 11.65 -6.61 -10.31
CA GLU A 549 11.10 -7.11 -9.06
C GLU A 549 10.04 -6.17 -8.48
N VAL A 550 10.34 -4.87 -8.49
CA VAL A 550 9.38 -3.88 -8.01
C VAL A 550 8.08 -3.91 -8.83
N ALA A 551 8.21 -3.97 -10.15
CA ALA A 551 7.04 -4.05 -11.03
C ALA A 551 6.21 -5.29 -10.72
N GLY A 552 6.87 -6.44 -10.57
CA GLY A 552 6.18 -7.67 -10.16
C GLY A 552 5.51 -7.58 -8.79
N MET A 553 6.18 -6.93 -7.83
CA MET A 553 5.65 -6.71 -6.49
C MET A 553 4.36 -5.91 -6.53
N THR A 554 4.35 -4.79 -7.26
CA THR A 554 3.15 -3.97 -7.42
C THR A 554 1.99 -4.80 -7.97
N ALA A 555 2.28 -5.57 -9.01
CA ALA A 555 1.25 -6.34 -9.70
C ALA A 555 0.71 -7.47 -8.82
N GLN A 556 1.59 -8.16 -8.10
CA GLN A 556 1.16 -9.30 -7.31
C GLN A 556 0.53 -8.90 -5.98
N ILE A 557 1.17 -7.97 -5.25
CA ILE A 557 0.74 -7.64 -3.88
C ILE A 557 -0.62 -6.94 -3.89
N ASN A 558 -0.89 -6.19 -4.95
CA ASN A 558 -2.15 -5.48 -4.99
C ASN A 558 -3.29 -6.33 -5.49
N ARG A 559 -2.96 -7.40 -6.21
CA ARG A 559 -3.96 -8.40 -6.55
C ARG A 559 -4.30 -9.26 -5.34
N LYS A 560 -3.26 -9.60 -4.55
CA LYS A 560 -3.45 -10.20 -3.23
C LYS A 560 -4.31 -9.29 -2.34
N ALA A 561 -4.06 -7.99 -2.36
CA ALA A 561 -4.83 -7.04 -1.57
C ALA A 561 -6.29 -7.02 -2.01
N LEU A 562 -6.52 -7.15 -3.33
CA LEU A 562 -7.87 -7.15 -3.86
C LEU A 562 -8.65 -8.36 -3.36
N ILE A 563 -8.04 -9.55 -3.45
CA ILE A 563 -8.74 -10.77 -3.04
C ILE A 563 -8.90 -10.85 -1.53
N ASN A 564 -7.89 -10.41 -0.78
CA ASN A 564 -8.06 -10.30 0.68
C ASN A 564 -9.13 -9.28 1.07
N GLY A 565 -9.26 -8.24 0.24
CA GLY A 565 -10.26 -7.19 0.43
C GLY A 565 -11.69 -7.69 0.27
N LEU A 566 -11.87 -8.74 -0.53
CA LEU A 566 -13.19 -9.38 -0.65
C LEU A 566 -13.59 -10.13 0.62
N ALA A 567 -12.63 -10.83 1.23
CA ALA A 567 -12.85 -11.45 2.54
C ALA A 567 -13.25 -10.39 3.58
N GLY A 568 -12.57 -9.25 3.54
CA GLY A 568 -12.93 -8.10 4.39
C GLY A 568 -14.26 -7.44 4.04
N ALA A 569 -14.53 -7.30 2.74
CA ALA A 569 -15.79 -6.68 2.28
C ALA A 569 -17.03 -7.44 2.79
N LEU A 570 -16.91 -8.75 2.93
CA LEU A 570 -18.01 -9.56 3.47
C LEU A 570 -18.38 -9.13 4.89
N GLY A 571 -17.44 -8.46 5.56
CA GLY A 571 -17.65 -7.92 6.90
C GLY A 571 -17.80 -6.40 6.93
N ASN A 572 -18.08 -5.80 5.78
CA ASN A 572 -18.38 -4.35 5.72
C ASN A 572 -19.85 -4.12 5.37
N VAL A 573 -20.55 -3.32 6.18
CA VAL A 573 -22.01 -3.16 6.04
C VAL A 573 -22.47 -2.50 4.73
N TRP A 574 -21.56 -1.83 4.03
CA TRP A 574 -21.89 -1.18 2.75
C TRP A 574 -21.76 -2.09 1.56
N PHE A 575 -21.19 -3.27 1.75
CA PHE A 575 -21.05 -4.26 0.69
C PHE A 575 -22.38 -4.92 0.40
N ARG A 576 -22.70 -5.06 -0.89
CA ARG A 576 -23.96 -5.68 -1.30
C ARG A 576 -24.10 -7.08 -0.72
N TYR A 577 -22.96 -7.77 -0.58
CA TYR A 577 -22.99 -9.16 -0.08
C TYR A 577 -22.47 -9.29 1.35
N TYR A 578 -22.61 -8.22 2.13
CA TYR A 578 -22.32 -8.26 3.56
C TYR A 578 -23.06 -9.41 4.22
N ASP A 579 -22.32 -10.22 4.98
CA ASP A 579 -22.92 -11.31 5.74
C ASP A 579 -21.90 -11.75 6.77
N LEU A 580 -22.19 -11.49 8.05
CA LEU A 580 -21.25 -11.89 9.10
C LEU A 580 -21.12 -13.40 9.23
N ARG A 581 -22.11 -14.14 8.73
CA ARG A 581 -22.02 -15.61 8.70
C ARG A 581 -20.87 -16.05 7.79
N ASN A 582 -20.75 -15.41 6.64
CA ASN A 582 -19.65 -15.71 5.71
C ASN A 582 -18.30 -15.12 6.17
N ALA A 583 -18.32 -13.88 6.64
CA ALA A 583 -17.08 -13.25 7.12
C ALA A 583 -16.48 -14.09 8.26
N THR A 584 -17.33 -14.56 9.16
CA THR A 584 -16.86 -15.34 10.31
C THR A 584 -16.56 -16.79 9.94
N ALA A 585 -17.24 -17.32 8.92
CA ALA A 585 -16.91 -18.64 8.39
C ALA A 585 -15.44 -18.70 7.96
N ILE A 586 -14.98 -17.64 7.32
CA ILE A 586 -13.58 -17.52 6.89
C ILE A 586 -12.61 -17.46 8.06
N THR A 587 -12.83 -16.53 8.99
CA THR A 587 -11.87 -16.30 10.07
C THR A 587 -11.83 -17.48 11.04
N THR A 588 -13.00 -18.05 11.33
CA THR A 588 -13.08 -19.19 12.26
C THR A 588 -12.42 -20.43 11.65
N PHE A 589 -12.63 -20.66 10.35
CA PHE A 589 -11.94 -21.76 9.66
C PHE A 589 -10.43 -21.56 9.75
N GLY A 590 -9.98 -20.34 9.54
CA GLY A 590 -8.55 -19.99 9.68
C GLY A 590 -7.98 -20.31 11.06
N GLN A 591 -8.73 -19.96 12.11
CA GLN A 591 -8.31 -20.24 13.48
C GLN A 591 -8.11 -21.74 13.65
N MET A 592 -9.07 -22.51 13.15
CA MET A 592 -8.99 -23.97 13.21
C MET A 592 -7.79 -24.49 12.43
N ALA A 593 -7.63 -24.00 11.20
CA ALA A 593 -6.59 -24.49 10.29
C ALA A 593 -5.20 -24.36 10.92
N LEU A 594 -4.94 -23.20 11.52
CA LEU A 594 -3.66 -22.93 12.16
C LEU A 594 -3.39 -23.90 13.34
N GLN A 595 -4.36 -24.00 14.23
CA GLN A 595 -4.20 -24.82 15.44
C GLN A 595 -4.24 -26.31 15.13
N TRP A 596 -5.03 -26.69 14.12
CA TRP A 596 -5.03 -28.06 13.59
C TRP A 596 -3.64 -28.43 13.14
N ILE A 597 -3.05 -27.58 12.31
CA ILE A 597 -1.77 -27.89 11.71
C ILE A 597 -0.61 -27.77 12.70
N GLU A 598 -0.71 -26.87 13.67
CA GLU A 598 0.24 -26.86 14.79
C GLU A 598 0.26 -28.24 15.46
N ARG A 599 -0.92 -28.77 15.78
CA ARG A 599 -1.03 -30.10 16.37
C ARG A 599 -0.37 -31.18 15.51
N LYS A 600 -0.67 -31.15 14.21
CA LYS A 600 -0.14 -32.14 13.26
C LYS A 600 1.38 -32.07 13.12
N VAL A 601 1.91 -30.86 13.03
CA VAL A 601 3.36 -30.65 12.89
C VAL A 601 4.10 -31.12 14.16
N ASN A 602 3.59 -30.73 15.33
CA ASN A 602 4.12 -31.23 16.61
C ASN A 602 4.12 -32.75 16.67
N GLU A 603 3.01 -33.35 16.28
CA GLU A 603 2.90 -34.81 16.25
C GLU A 603 3.92 -35.43 15.29
N TYR A 604 4.04 -34.88 14.10
CA TYR A 604 4.99 -35.40 13.10
C TYR A 604 6.43 -35.36 13.61
N LEU A 605 6.82 -34.23 14.19
CA LEU A 605 8.21 -34.05 14.63
C LEU A 605 8.55 -34.80 15.91
N ASN A 606 7.61 -34.88 16.84
CA ASN A 606 7.80 -35.72 18.04
C ASN A 606 8.04 -37.18 17.68
N GLU A 607 7.34 -37.65 16.64
CA GLU A 607 7.53 -38.98 16.10
C GLU A 607 8.91 -39.16 15.47
N VAL A 608 9.32 -38.19 14.65
CA VAL A 608 10.64 -38.21 14.01
C VAL A 608 11.80 -38.17 15.02
N CYS A 609 11.65 -37.36 16.07
CA CYS A 609 12.68 -37.24 17.12
C CYS A 609 12.50 -38.26 18.25
N GLY A 610 11.41 -39.02 18.21
CA GLY A 610 11.11 -40.03 19.21
C GLY A 610 10.83 -39.48 20.60
N THR A 611 10.16 -38.33 20.68
CA THR A 611 9.80 -37.74 21.97
C THR A 611 8.28 -37.70 22.18
N GLU A 612 7.84 -37.02 23.24
CA GLU A 612 6.42 -36.86 23.52
C GLU A 612 6.16 -35.54 24.25
N GLY A 613 5.16 -34.80 23.78
CA GLY A 613 4.75 -33.55 24.42
C GLY A 613 5.63 -32.34 24.12
N GLU A 614 6.72 -32.57 23.38
CA GLU A 614 7.63 -31.50 22.97
C GLU A 614 6.97 -30.52 21.99
N ALA A 615 7.11 -29.23 22.27
CA ALA A 615 6.55 -28.18 21.41
C ALA A 615 7.58 -27.73 20.37
N PHE A 616 7.35 -28.12 19.12
CA PHE A 616 8.21 -27.74 18.00
C PHE A 616 7.74 -26.45 17.36
N VAL A 617 6.42 -26.24 17.36
CA VAL A 617 5.83 -25.02 16.85
C VAL A 617 5.89 -23.98 17.97
N LEU A 618 6.67 -22.93 17.75
CA LEU A 618 6.95 -21.98 18.81
C LEU A 618 6.05 -20.76 18.71
N TYR A 619 5.46 -20.58 17.53
CA TYR A 619 4.70 -19.40 17.23
C TYR A 619 3.90 -19.58 15.96
N GLY A 620 2.84 -18.81 15.86
CA GLY A 620 2.04 -18.75 14.65
C GLY A 620 1.12 -17.57 14.76
N ASP A 621 0.77 -17.01 13.60
CA ASP A 621 -0.09 -15.86 13.52
C ASP A 621 -0.94 -15.97 12.25
N THR A 622 -2.24 -16.17 12.44
CA THR A 622 -3.24 -16.22 11.37
C THR A 622 -3.15 -17.49 10.53
N ASP A 623 -2.06 -17.66 9.78
CA ASP A 623 -1.95 -18.75 8.81
C ASP A 623 -0.52 -19.27 8.71
N SER A 624 0.28 -18.96 9.73
CA SER A 624 1.70 -19.24 9.69
C SER A 624 2.13 -20.03 10.91
N ILE A 625 3.17 -20.85 10.76
CA ILE A 625 3.79 -21.52 11.89
C ILE A 625 5.29 -21.35 11.81
N TYR A 626 5.90 -21.24 12.99
CA TYR A 626 7.34 -21.16 13.13
C TYR A 626 7.80 -22.36 13.93
N VAL A 627 8.64 -23.17 13.30
CA VAL A 627 9.07 -24.46 13.84
C VAL A 627 10.53 -24.36 14.24
N SER A 628 10.81 -24.73 15.48
CA SER A 628 12.18 -24.82 15.96
C SER A 628 12.85 -26.02 15.27
N ALA A 629 13.99 -25.76 14.63
CA ALA A 629 14.74 -26.79 13.92
C ALA A 629 16.03 -27.21 14.64
N ASP A 630 16.26 -26.70 15.84
CA ASP A 630 17.44 -27.05 16.64
C ASP A 630 17.69 -28.55 16.70
N LYS A 631 16.64 -29.32 17.00
CA LYS A 631 16.76 -30.77 17.14
C LYS A 631 17.12 -31.48 15.82
N ILE A 632 16.62 -30.94 14.70
CA ILE A 632 16.90 -31.49 13.38
C ILE A 632 18.39 -31.32 13.05
N ILE A 633 18.90 -30.11 13.26
CA ILE A 633 20.32 -29.80 13.09
C ILE A 633 21.18 -30.65 14.02
N ASP A 634 20.77 -30.77 15.28
CA ASP A 634 21.54 -31.53 16.28
C ASP A 634 21.53 -33.03 16.01
N LYS A 635 20.51 -33.53 15.31
CA LYS A 635 20.43 -34.94 14.96
C LYS A 635 21.53 -35.30 13.95
N VAL A 636 21.97 -34.28 13.22
CA VAL A 636 23.07 -34.40 12.26
C VAL A 636 24.39 -34.03 12.95
N GLY A 637 24.36 -32.96 13.74
CA GLY A 637 25.55 -32.46 14.43
C GLY A 637 26.18 -31.36 13.61
N GLU A 638 26.33 -30.19 14.20
CA GLU A 638 26.87 -29.00 13.52
C GLU A 638 28.22 -29.24 12.82
N SER A 639 29.09 -30.02 13.45
CA SER A 639 30.44 -30.28 12.92
C SER A 639 30.44 -31.02 11.58
N LYS A 640 29.28 -31.56 11.20
CA LYS A 640 29.15 -32.29 9.94
C LYS A 640 28.91 -31.40 8.72
N PHE A 641 28.63 -30.12 8.95
CA PHE A 641 28.34 -29.18 7.85
C PHE A 641 29.58 -28.42 7.38
N ARG A 642 29.75 -28.34 6.07
CA ARG A 642 30.90 -27.66 5.47
C ARG A 642 30.88 -26.15 5.69
N ASP A 643 29.67 -25.57 5.65
CA ASP A 643 29.46 -24.13 5.78
C ASP A 643 27.97 -23.87 6.06
N THR A 644 27.61 -22.59 6.19
CA THR A 644 26.21 -22.19 6.43
C THR A 644 25.29 -22.68 5.32
N ASN A 645 25.71 -22.52 4.06
CA ASN A 645 24.87 -22.91 2.94
C ASN A 645 24.56 -24.41 2.96
N HIS A 646 25.45 -25.20 3.56
CA HIS A 646 25.25 -26.65 3.67
C HIS A 646 24.09 -27.00 4.56
N TRP A 647 24.05 -26.46 5.78
CA TRP A 647 22.86 -26.69 6.64
C TRP A 647 21.60 -26.04 6.12
N VAL A 648 21.73 -24.91 5.43
CA VAL A 648 20.55 -24.28 4.81
C VAL A 648 19.94 -25.22 3.77
N ASP A 649 20.79 -25.80 2.92
CA ASP A 649 20.38 -26.83 1.95
C ASP A 649 19.69 -28.01 2.62
N PHE A 650 20.25 -28.47 3.73
CA PHE A 650 19.72 -29.60 4.46
C PHE A 650 18.32 -29.30 5.00
N LEU A 651 18.14 -28.12 5.59
CA LEU A 651 16.82 -27.72 6.10
C LEU A 651 15.81 -27.51 4.96
N ASP A 652 16.26 -26.92 3.87
CA ASP A 652 15.42 -26.72 2.68
C ASP A 652 14.89 -28.06 2.19
N LYS A 653 15.80 -29.03 2.06
CA LYS A 653 15.44 -30.39 1.66
C LYS A 653 14.50 -31.05 2.66
N PHE A 654 14.79 -30.89 3.96
CA PHE A 654 13.95 -31.47 5.00
C PHE A 654 12.54 -30.88 4.95
N ALA A 655 12.46 -29.56 4.77
CA ALA A 655 11.16 -28.90 4.66
C ALA A 655 10.38 -29.39 3.44
N ARG A 656 11.05 -29.47 2.29
CA ARG A 656 10.38 -29.83 1.05
C ARG A 656 10.00 -31.31 0.99
N GLU A 657 10.88 -32.19 1.45
CA GLU A 657 10.69 -33.64 1.27
C GLU A 657 10.04 -34.36 2.45
N ARG A 658 10.07 -33.76 3.63
CA ARG A 658 9.52 -34.39 4.81
C ARG A 658 8.39 -33.58 5.43
N MET A 659 8.65 -32.30 5.69
CA MET A 659 7.69 -31.43 6.39
C MET A 659 6.43 -31.16 5.58
N GLU A 660 6.61 -30.67 4.37
CA GLU A 660 5.48 -30.29 3.51
C GLU A 660 4.56 -31.46 3.16
N PRO A 661 5.11 -32.66 2.88
CA PRO A 661 4.21 -33.81 2.72
C PRO A 661 3.40 -34.15 3.98
N ALA A 662 4.00 -33.96 5.16
CA ALA A 662 3.31 -34.20 6.42
C ALA A 662 2.22 -33.16 6.63
N ILE A 663 2.53 -31.91 6.29
CA ILE A 663 1.59 -30.81 6.39
C ILE A 663 0.41 -31.06 5.43
N ASP A 664 0.72 -31.42 4.20
CA ASP A 664 -0.30 -31.68 3.18
C ASP A 664 -1.25 -32.79 3.63
N ARG A 665 -0.70 -33.86 4.20
CA ARG A 665 -1.51 -34.96 4.72
C ARG A 665 -2.43 -34.48 5.85
N GLY A 666 -1.89 -33.67 6.75
CA GLY A 666 -2.66 -33.11 7.85
C GLY A 666 -3.83 -32.28 7.36
N PHE A 667 -3.60 -31.46 6.34
CA PHE A 667 -4.67 -30.63 5.80
C PHE A 667 -5.70 -31.40 4.98
N ARG A 668 -5.26 -32.44 4.26
CA ARG A 668 -6.20 -33.31 3.54
C ARG A 668 -7.20 -33.94 4.50
N GLU A 669 -6.71 -34.38 5.66
CA GLU A 669 -7.58 -34.95 6.68
C GLU A 669 -8.58 -33.90 7.18
N MET A 670 -8.09 -32.68 7.39
CA MET A 670 -8.94 -31.58 7.84
C MET A 670 -10.02 -31.24 6.82
N CYS A 671 -9.64 -31.20 5.54
CA CYS A 671 -10.59 -31.03 4.43
C CYS A 671 -11.69 -32.11 4.47
N GLU A 672 -11.30 -33.36 4.66
CA GLU A 672 -12.26 -34.47 4.75
C GLU A 672 -13.17 -34.35 5.97
N TYR A 673 -12.57 -33.99 7.11
CA TYR A 673 -13.30 -33.77 8.36
C TYR A 673 -14.38 -32.69 8.20
N MET A 674 -14.02 -31.57 7.55
CA MET A 674 -14.98 -30.50 7.26
C MET A 674 -15.80 -30.74 5.99
N ASN A 675 -15.53 -31.84 5.27
CA ASN A 675 -16.25 -32.19 4.03
C ASN A 675 -16.20 -31.05 2.99
N ASN A 676 -15.04 -30.39 2.89
CA ASN A 676 -14.93 -29.23 2.00
C ASN A 676 -14.94 -29.63 0.54
N LYS A 677 -15.16 -28.64 -0.32
CA LYS A 677 -15.34 -28.90 -1.74
C LYS A 677 -14.04 -29.31 -2.40
N GLN A 678 -12.94 -28.66 -2.01
CA GLN A 678 -11.64 -28.89 -2.64
C GLN A 678 -10.52 -28.52 -1.67
N HIS A 679 -9.54 -29.40 -1.55
CA HIS A 679 -8.37 -29.15 -0.72
C HIS A 679 -7.48 -28.09 -1.32
N LEU A 680 -7.37 -26.96 -0.65
CA LEU A 680 -6.61 -25.84 -1.18
C LEU A 680 -5.73 -25.20 -0.12
N MET A 681 -5.55 -25.90 0.99
CA MET A 681 -4.67 -25.40 2.07
C MET A 681 -3.24 -25.80 1.76
N PHE A 682 -2.48 -24.88 1.17
CA PHE A 682 -1.12 -25.20 0.73
C PHE A 682 -0.14 -24.38 1.54
N MET A 683 0.50 -25.03 2.51
CA MET A 683 1.36 -24.36 3.46
C MET A 683 2.81 -24.63 3.11
N ASP A 684 3.38 -23.74 2.31
CA ASP A 684 4.74 -23.90 1.82
C ASP A 684 5.74 -23.23 2.75
N ARG A 685 6.96 -23.72 2.72
CA ARG A 685 8.04 -23.14 3.52
C ARG A 685 8.28 -21.69 3.11
N GLU A 686 8.40 -20.82 4.10
CA GLU A 686 8.69 -19.43 3.88
C GLU A 686 10.19 -19.24 4.13
N ALA A 687 10.57 -19.18 5.41
CA ALA A 687 11.94 -18.83 5.80
C ALA A 687 12.75 -19.99 6.40
N ILE A 688 14.07 -19.95 6.13
CA ILE A 688 15.04 -20.79 6.83
C ILE A 688 16.01 -19.84 7.53
N ALA A 689 16.04 -19.92 8.86
CA ALA A 689 16.75 -18.96 9.71
C ALA A 689 17.70 -19.63 10.68
N GLY A 690 18.81 -18.95 10.98
CA GLY A 690 19.81 -19.45 11.92
C GLY A 690 21.04 -18.57 11.91
N PRO A 691 21.94 -18.74 12.90
CA PRO A 691 23.17 -17.95 12.94
C PRO A 691 24.17 -18.46 11.90
N PRO A 692 25.15 -17.62 11.52
CA PRO A 692 26.20 -18.14 10.64
C PRO A 692 26.93 -19.31 11.30
N LEU A 693 27.30 -20.31 10.51
CA LEU A 693 27.97 -21.51 11.05
C LEU A 693 29.25 -21.13 11.79
N GLY A 694 29.35 -21.56 13.04
CA GLY A 694 30.55 -21.34 13.85
C GLY A 694 30.59 -20.02 14.60
N SER A 695 29.57 -19.19 14.41
CA SER A 695 29.49 -17.89 15.07
C SER A 695 28.86 -18.01 16.45
N LYS A 696 28.87 -16.91 17.21
CA LYS A 696 28.12 -16.87 18.46
C LYS A 696 26.76 -16.16 18.30
N GLY A 697 26.30 -16.03 17.05
CA GLY A 697 24.98 -15.39 16.80
C GLY A 697 23.85 -16.23 17.38
N ILE A 698 22.77 -15.60 17.81
CA ILE A 698 21.67 -16.37 18.41
C ILE A 698 20.60 -16.79 17.39
N GLY A 699 20.72 -16.30 16.15
CA GLY A 699 19.84 -16.73 15.07
C GLY A 699 18.52 -15.98 15.00
N GLY A 700 17.76 -15.99 16.11
CA GLY A 700 16.45 -15.34 16.16
C GLY A 700 16.00 -15.10 17.59
N PHE A 701 14.99 -14.24 17.77
CA PHE A 701 14.31 -14.08 19.06
C PHE A 701 12.87 -13.58 18.90
N TRP A 702 12.03 -13.94 19.86
CA TRP A 702 10.68 -13.40 20.00
C TRP A 702 10.60 -12.70 21.31
N THR A 703 9.92 -11.54 21.34
CA THR A 703 9.63 -10.87 22.61
C THR A 703 8.17 -11.09 23.01
N GLY A 704 7.33 -11.38 22.03
CA GLY A 704 5.90 -11.53 22.27
C GLY A 704 5.16 -11.66 20.95
N LYS A 705 3.84 -11.61 21.01
CA LYS A 705 3.02 -11.67 19.80
C LYS A 705 3.40 -10.54 18.85
N LYS A 706 3.52 -10.90 17.57
CA LYS A 706 3.77 -9.94 16.48
C LYS A 706 5.07 -9.15 16.67
N ARG A 707 6.03 -9.73 17.40
CA ARG A 707 7.30 -9.08 17.71
C ARG A 707 8.46 -10.08 17.72
N TYR A 708 9.23 -10.10 16.64
CA TYR A 708 10.32 -11.05 16.50
C TYR A 708 11.32 -10.64 15.45
N ALA A 709 12.46 -11.32 15.47
CA ALA A 709 13.52 -11.07 14.49
C ALA A 709 14.17 -12.40 14.13
N LEU A 710 14.51 -12.56 12.84
CA LEU A 710 15.11 -13.80 12.33
C LEU A 710 16.22 -13.47 11.34
N ASN A 711 17.33 -14.19 11.46
CA ASN A 711 18.41 -14.12 10.47
C ASN A 711 18.16 -15.13 9.34
N VAL A 712 17.69 -14.65 8.20
CA VAL A 712 17.16 -15.51 7.13
C VAL A 712 18.18 -15.71 6.00
N TRP A 713 18.35 -16.96 5.59
CA TRP A 713 19.25 -17.33 4.50
C TRP A 713 18.52 -17.63 3.22
N ASP A 714 17.28 -18.08 3.34
CA ASP A 714 16.48 -18.46 2.19
C ASP A 714 15.04 -18.09 2.48
N MET A 715 14.43 -17.38 1.53
CA MET A 715 13.07 -16.91 1.68
C MET A 715 12.29 -17.26 0.42
N GLU A 716 11.30 -18.14 0.58
CA GLU A 716 10.44 -18.60 -0.52
C GLU A 716 11.22 -19.03 -1.77
N GLY A 717 12.39 -19.63 -1.54
CA GLY A 717 13.19 -20.20 -2.61
C GLY A 717 14.26 -19.27 -3.13
N THR A 718 14.35 -18.06 -2.56
CA THR A 718 15.44 -17.15 -2.88
C THR A 718 16.57 -17.36 -1.90
N ARG A 719 17.69 -17.87 -2.39
CA ARG A 719 18.89 -18.08 -1.58
C ARG A 719 19.75 -16.83 -1.63
N TYR A 720 19.83 -16.12 -0.51
CA TYR A 720 20.50 -14.82 -0.48
C TYR A 720 22.02 -14.91 -0.59
N ALA A 721 22.61 -13.98 -1.32
CA ALA A 721 24.06 -13.81 -1.35
C ALA A 721 24.55 -13.47 0.06
N GLU A 722 23.81 -12.59 0.75
CA GLU A 722 24.10 -12.24 2.15
C GLU A 722 22.85 -12.48 2.99
N PRO A 723 23.01 -12.93 4.25
CA PRO A 723 21.85 -13.14 5.10
C PRO A 723 21.03 -11.85 5.26
N LYS A 724 19.72 -11.99 5.36
CA LYS A 724 18.84 -10.83 5.49
C LYS A 724 18.03 -10.95 6.77
N LEU A 725 17.80 -9.82 7.43
CA LEU A 725 17.01 -9.85 8.66
C LEU A 725 15.52 -9.79 8.35
N LYS A 726 14.76 -10.76 8.83
CA LYS A 726 13.31 -10.60 8.85
C LYS A 726 12.91 -10.12 10.24
N ILE A 727 12.55 -8.84 10.33
CA ILE A 727 12.13 -8.24 11.60
C ILE A 727 10.70 -7.82 11.47
N MET A 728 9.86 -8.29 12.39
CA MET A 728 8.45 -7.92 12.40
C MET A 728 8.09 -7.26 13.71
N GLY A 729 7.40 -6.13 13.61
CA GLY A 729 6.77 -5.49 14.77
C GLY A 729 7.68 -4.66 15.65
N LEU A 730 8.95 -5.04 15.76
CA LEU A 730 9.92 -4.29 16.58
C LEU A 730 10.11 -2.88 16.05
N GLU A 731 10.67 -2.03 16.90
CA GLU A 731 10.73 -0.59 16.69
C GLU A 731 11.45 -0.19 15.39
N THR A 732 12.32 -1.07 14.90
CA THR A 732 13.01 -0.86 13.62
C THR A 732 12.03 -0.76 12.46
N GLN A 733 10.82 -1.30 12.64
CA GLN A 733 9.82 -1.41 11.58
C GLN A 733 8.72 -0.36 11.69
N LYS A 734 8.80 0.49 12.70
CA LYS A 734 7.73 1.43 12.99
C LYS A 734 8.11 2.82 12.51
N SER A 735 7.22 3.47 11.75
CA SER A 735 7.46 4.84 11.26
C SER A 735 7.57 5.87 12.38
N SER A 736 7.06 5.55 13.56
CA SER A 736 7.15 6.45 14.72
C SER A 736 8.53 6.51 15.38
N THR A 737 9.37 5.50 15.12
CA THR A 737 10.72 5.42 15.69
C THR A 737 11.67 6.32 14.90
N PRO A 738 12.50 7.14 15.60
CA PRO A 738 13.43 8.03 14.89
C PRO A 738 14.31 7.27 13.89
N LYS A 739 14.62 7.92 12.77
CA LYS A 739 15.37 7.28 11.68
C LYS A 739 16.73 6.71 12.10
N ALA A 740 17.49 7.48 12.85
CA ALA A 740 18.81 7.02 13.30
C ALA A 740 18.67 5.92 14.35
N VAL A 741 17.56 5.92 15.08
CA VAL A 741 17.30 4.89 16.08
C VAL A 741 16.90 3.56 15.46
N GLN A 742 16.08 3.60 14.40
CA GLN A 742 15.74 2.41 13.63
C GLN A 742 17.04 1.76 13.16
N LYS A 743 17.94 2.59 12.62
CA LYS A 743 19.22 2.16 12.09
C LYS A 743 20.05 1.50 13.17
N ALA A 744 20.23 2.19 14.30
CA ALA A 744 21.01 1.67 15.41
C ALA A 744 20.43 0.38 15.99
N LEU A 745 19.12 0.35 16.18
CA LEU A 745 18.48 -0.86 16.70
C LEU A 745 18.61 -2.03 15.74
N LYS A 746 18.50 -1.75 14.43
CA LYS A 746 18.66 -2.81 13.43
C LYS A 746 20.07 -3.40 13.50
N GLU A 747 21.07 -2.55 13.68
CA GLU A 747 22.45 -3.03 13.82
C GLU A 747 22.64 -3.83 15.13
N CYS A 748 21.98 -3.41 16.21
CA CYS A 748 22.00 -4.18 17.48
C CYS A 748 21.42 -5.58 17.27
N ILE A 749 20.28 -5.64 16.57
CA ILE A 749 19.66 -6.90 16.22
C ILE A 749 20.55 -7.75 15.31
N ARG A 750 21.14 -7.13 14.28
CA ARG A 750 22.07 -7.83 13.40
C ARG A 750 23.17 -8.50 14.21
N ARG A 751 23.79 -7.73 15.10
CA ARG A 751 24.88 -8.24 15.93
C ARG A 751 24.43 -9.36 16.83
N MET A 752 23.29 -9.19 17.51
CA MET A 752 22.70 -10.24 18.33
C MET A 752 22.54 -11.53 17.53
N LEU A 753 21.91 -11.43 16.36
CA LEU A 753 21.56 -12.62 15.57
C LEU A 753 22.74 -13.26 14.84
N GLN A 754 23.73 -12.47 14.47
CA GLN A 754 24.80 -12.97 13.60
C GLN A 754 26.15 -13.12 14.29
N GLU A 755 26.37 -12.34 15.35
CA GLU A 755 27.71 -12.27 15.97
C GLU A 755 27.67 -12.58 17.46
N GLY A 756 26.60 -12.20 18.14
CA GLY A 756 26.46 -12.57 19.55
C GLY A 756 26.58 -11.42 20.55
N GLU A 757 26.67 -11.79 21.82
CA GLU A 757 26.56 -10.85 22.93
C GLU A 757 27.67 -9.82 23.00
N GLU A 758 28.91 -10.26 22.84
CA GLU A 758 30.06 -9.38 22.98
C GLU A 758 30.01 -8.30 21.89
N SER A 759 29.66 -8.69 20.67
CA SER A 759 29.52 -7.75 19.55
C SER A 759 28.43 -6.71 19.80
N LEU A 760 27.30 -7.14 20.35
CA LEU A 760 26.21 -6.24 20.73
C LEU A 760 26.69 -5.23 21.77
N GLN A 761 27.42 -5.71 22.78
CA GLN A 761 27.92 -4.84 23.84
C GLN A 761 28.89 -3.78 23.31
N GLU A 762 29.74 -4.15 22.35
CA GLU A 762 30.66 -3.19 21.72
C GLU A 762 29.92 -2.08 20.99
N TYR A 763 28.87 -2.44 20.24
CA TYR A 763 28.10 -1.46 19.49
C TYR A 763 27.28 -0.55 20.39
N PHE A 764 26.63 -1.12 21.41
CA PHE A 764 25.84 -0.32 22.32
C PHE A 764 26.68 0.79 22.96
N LYS A 765 27.85 0.40 23.47
CA LYS A 765 28.74 1.33 24.15
C LYS A 765 29.10 2.49 23.21
N GLU A 766 29.36 2.16 21.95
CA GLU A 766 29.69 3.19 20.97
C GLU A 766 28.53 4.13 20.67
N PHE A 767 27.35 3.56 20.40
CA PHE A 767 26.16 4.38 20.12
C PHE A 767 25.81 5.34 21.25
N GLU A 768 25.82 4.84 22.49
CA GLU A 768 25.53 5.66 23.68
C GLU A 768 26.49 6.84 23.82
N LYS A 769 27.75 6.62 23.48
CA LYS A 769 28.78 7.65 23.55
C LYS A 769 28.62 8.72 22.46
N GLU A 770 28.16 8.33 21.27
CA GLU A 770 28.22 9.21 20.10
C GLU A 770 26.90 9.86 19.68
N PHE A 771 25.78 9.35 20.18
CA PHE A 771 24.48 9.64 19.58
C PHE A 771 24.09 11.13 19.62
N ARG A 772 24.60 11.88 20.60
CA ARG A 772 24.30 13.31 20.72
C ARG A 772 24.71 14.15 19.50
N GLN A 773 25.58 13.60 18.66
CA GLN A 773 26.03 14.30 17.46
C GLN A 773 25.06 14.11 16.31
N LEU A 774 24.10 13.19 16.48
CA LEU A 774 23.13 12.90 15.43
C LEU A 774 22.23 14.09 15.18
N ASN A 775 21.95 14.33 13.90
CA ASN A 775 21.09 15.42 13.47
C ASN A 775 19.72 15.29 14.11
N TYR A 776 19.18 16.43 14.55
CA TYR A 776 17.94 16.44 15.34
C TYR A 776 16.76 15.77 14.62
N ILE A 777 16.68 15.92 13.30
CA ILE A 777 15.61 15.28 12.54
C ILE A 777 15.74 13.76 12.62
N SER A 778 16.97 13.24 12.55
CA SER A 778 17.20 11.80 12.60
C SER A 778 16.88 11.17 13.96
N ILE A 779 16.73 12.00 14.99
CA ILE A 779 16.46 11.49 16.35
C ILE A 779 15.08 11.90 16.89
N ALA A 780 14.31 12.60 16.07
CA ALA A 780 12.94 12.95 16.42
C ALA A 780 12.00 11.76 16.21
N SER A 781 11.08 11.56 17.15
CA SER A 781 10.00 10.60 16.96
C SER A 781 8.98 11.18 16.00
N VAL A 782 8.12 10.32 15.45
CA VAL A 782 7.10 10.77 14.50
C VAL A 782 5.74 10.29 14.97
N SER A 783 4.72 11.12 14.80
CA SER A 783 3.36 10.69 15.08
C SER A 783 2.36 11.42 14.19
N SER A 784 1.30 10.73 13.81
CA SER A 784 0.14 11.39 13.24
C SER A 784 -0.46 12.24 14.35
N ALA A 785 -1.07 13.35 13.96
CA ALA A 785 -1.64 14.28 14.93
C ALA A 785 -3.13 14.55 14.68
N ASN A 786 -3.98 13.87 15.44
CA ASN A 786 -5.43 14.06 15.34
C ASN A 786 -5.99 14.80 16.57
N ASN A 787 -7.14 15.45 16.39
CA ASN A 787 -7.85 16.13 17.49
C ASN A 787 -7.06 17.20 18.23
N ILE A 788 -6.23 17.95 17.50
CA ILE A 788 -5.45 19.02 18.11
C ILE A 788 -6.35 20.02 18.85
N ALA A 789 -7.49 20.37 18.23
CA ALA A 789 -8.47 21.28 18.83
C ALA A 789 -9.09 20.75 20.12
N LYS A 790 -9.41 19.46 20.13
CA LYS A 790 -10.01 18.81 21.32
C LYS A 790 -9.17 19.00 22.59
N TYR A 791 -7.85 19.00 22.45
CA TYR A 791 -6.94 19.05 23.59
C TYR A 791 -6.35 20.43 23.84
N ASP A 792 -6.80 21.42 23.07
CA ASP A 792 -6.28 22.77 23.16
C ASP A 792 -7.18 23.63 24.06
N VAL A 793 -6.69 23.93 25.26
CA VAL A 793 -7.38 24.81 26.21
C VAL A 793 -6.58 26.09 26.39
N GLY A 794 -6.98 27.13 25.66
CA GLY A 794 -6.31 28.44 25.69
C GLY A 794 -4.84 28.40 25.30
N GLY A 795 -4.48 27.47 24.42
CA GLY A 795 -3.10 27.31 23.98
C GLY A 795 -2.32 26.29 24.81
N PHE A 796 -2.98 25.71 25.80
CA PHE A 796 -2.35 24.79 26.72
C PHE A 796 -3.04 23.42 26.75
N PRO A 797 -2.28 22.37 27.15
CA PRO A 797 -2.82 21.00 27.15
C PRO A 797 -4.00 20.82 28.09
N GLY A 798 -5.10 20.33 27.56
CA GLY A 798 -6.25 19.95 28.37
C GLY A 798 -6.06 18.58 29.00
N PRO A 799 -7.07 18.10 29.76
CA PRO A 799 -6.98 16.78 30.41
C PRO A 799 -6.71 15.66 29.40
N LYS A 800 -5.90 14.69 29.81
CA LYS A 800 -5.53 13.53 28.97
C LYS A 800 -4.81 13.88 27.66
N CYS A 801 -4.21 15.08 27.56
CA CYS A 801 -3.54 15.50 26.33
C CYS A 801 -2.41 14.54 25.96
N PRO A 802 -2.47 13.96 24.73
CA PRO A 802 -1.39 13.06 24.32
C PRO A 802 -0.06 13.80 24.17
N PHE A 803 1.03 13.06 24.33
CA PHE A 803 2.38 13.63 24.32
C PHE A 803 2.68 14.41 23.05
N HIS A 804 2.38 13.82 21.90
CA HIS A 804 2.61 14.51 20.63
C HIS A 804 1.75 15.74 20.44
N ILE A 805 0.52 15.74 20.98
CA ILE A 805 -0.37 16.91 20.87
C ILE A 805 0.17 18.02 21.75
N ARG A 806 0.61 17.66 22.96
CA ARG A 806 1.29 18.60 23.85
C ARG A 806 2.44 19.30 23.12
N GLY A 807 3.21 18.54 22.34
CA GLY A 807 4.32 19.11 21.58
C GLY A 807 3.86 20.14 20.57
N ILE A 808 2.76 19.85 19.90
CA ILE A 808 2.18 20.74 18.90
C ILE A 808 1.70 22.06 19.53
N LEU A 809 1.06 21.96 20.70
CA LEU A 809 0.59 23.12 21.42
C LEU A 809 1.77 24.00 21.84
N THR A 810 2.85 23.36 22.28
CA THR A 810 4.09 24.07 22.60
C THR A 810 4.59 24.83 21.36
N TYR A 811 4.62 24.14 20.22
CA TYR A 811 4.99 24.73 18.95
C TYR A 811 4.11 25.93 18.60
N ASN A 812 2.79 25.73 18.68
CA ASN A 812 1.85 26.82 18.37
C ASN A 812 2.08 28.07 19.22
N ARG A 813 2.35 27.90 20.51
CA ARG A 813 2.66 29.03 21.38
C ARG A 813 3.95 29.73 20.96
N ALA A 814 4.98 28.93 20.64
CA ALA A 814 6.28 29.43 20.23
C ALA A 814 6.26 30.24 18.92
N ILE A 815 5.33 29.90 18.02
CA ILE A 815 5.22 30.61 16.73
C ILE A 815 4.06 31.59 16.62
N LYS A 816 3.35 31.84 17.74
CA LYS A 816 2.12 32.63 17.73
C LYS A 816 2.33 34.01 17.12
N GLY A 817 1.36 34.44 16.31
CA GLY A 817 1.39 35.74 15.66
C GLY A 817 1.93 35.68 14.23
N ASN A 818 2.78 34.68 13.97
CA ASN A 818 3.38 34.49 12.65
C ASN A 818 2.41 33.92 11.63
N ILE A 819 2.10 34.71 10.61
CA ILE A 819 1.25 34.26 9.51
C ILE A 819 2.06 33.39 8.54
N ASP A 820 3.39 33.48 8.66
CA ASP A 820 4.33 32.84 7.73
C ASP A 820 4.91 31.49 8.19
N ALA A 821 4.93 31.25 9.51
CA ALA A 821 5.46 30.02 10.08
C ALA A 821 4.64 28.81 9.65
N PRO A 822 5.31 27.68 9.34
CA PRO A 822 4.57 26.48 8.93
C PRO A 822 3.58 26.03 10.00
N GLN A 823 2.32 25.86 9.61
CA GLN A 823 1.31 25.41 10.54
C GLN A 823 1.28 23.90 10.52
N VAL A 824 1.03 23.33 11.70
CA VAL A 824 0.75 21.91 11.82
C VAL A 824 -0.66 21.68 11.28
N VAL A 825 -0.79 20.72 10.36
CA VAL A 825 -2.06 20.40 9.75
C VAL A 825 -2.70 19.21 10.46
N GLU A 826 -3.90 19.42 10.98
CA GLU A 826 -4.71 18.37 11.59
C GLU A 826 -4.71 17.10 10.75
N GLY A 827 -4.38 15.97 11.38
CA GLY A 827 -4.44 14.68 10.72
C GLY A 827 -3.17 14.30 9.98
N GLU A 828 -2.24 15.24 9.85
CA GLU A 828 -0.95 14.95 9.22
C GLU A 828 0.09 14.59 10.29
N LYS A 829 1.33 14.34 9.88
CA LYS A 829 2.35 13.85 10.81
C LYS A 829 3.30 14.93 11.32
N VAL A 830 3.76 14.75 12.55
CA VAL A 830 4.72 15.66 13.15
C VAL A 830 5.96 14.93 13.64
N TYR A 831 7.09 15.64 13.59
CA TYR A 831 8.27 15.26 14.38
C TYR A 831 8.07 15.71 15.81
N VAL A 832 8.56 14.92 16.77
CA VAL A 832 8.43 15.23 18.20
C VAL A 832 9.79 15.07 18.90
N LEU A 833 10.17 16.07 19.69
CA LEU A 833 11.39 16.02 20.50
C LEU A 833 11.08 16.38 21.95
N PRO A 834 11.70 15.67 22.91
CA PRO A 834 11.58 16.05 24.32
C PRO A 834 12.46 17.26 24.62
N LEU A 835 12.06 18.06 25.59
CA LEU A 835 12.79 19.27 25.98
C LEU A 835 13.23 19.17 27.43
N ARG A 836 14.44 19.64 27.73
CA ARG A 836 14.96 19.61 29.10
C ARG A 836 14.22 20.56 30.02
N GLU A 837 14.16 20.19 31.30
CA GLU A 837 13.61 21.04 32.38
C GLU A 837 14.13 22.48 32.31
N GLY A 838 13.22 23.44 32.43
CA GLY A 838 13.57 24.86 32.46
C GLY A 838 13.86 25.49 31.11
N ASN A 839 13.33 24.90 30.05
CA ASN A 839 13.47 25.46 28.71
C ASN A 839 12.56 26.67 28.48
N PRO A 840 12.88 27.51 27.48
CA PRO A 840 12.07 28.70 27.15
C PRO A 840 10.66 28.40 26.63
N PHE A 841 10.43 27.18 26.14
CA PHE A 841 9.14 26.83 25.53
C PHE A 841 8.07 26.50 26.56
N GLY A 842 8.49 26.39 27.82
CA GLY A 842 7.60 26.17 28.95
C GLY A 842 6.88 24.84 28.97
N ASP A 843 7.42 23.84 28.28
CA ASP A 843 6.89 22.47 28.35
C ASP A 843 7.92 21.38 28.01
N LYS A 844 7.51 20.13 28.17
CA LYS A 844 8.44 18.99 28.15
C LYS A 844 8.72 18.41 26.76
N CYS A 845 8.06 18.95 25.74
CA CYS A 845 8.29 18.51 24.36
C CYS A 845 7.81 19.53 23.35
N ILE A 846 8.29 19.39 22.12
CA ILE A 846 7.84 20.23 21.02
C ILE A 846 7.67 19.37 19.76
N ALA A 847 6.71 19.74 18.92
CA ALA A 847 6.44 19.01 17.69
C ALA A 847 6.29 19.99 16.54
N TRP A 848 6.66 19.56 15.34
CA TRP A 848 6.52 20.40 14.14
C TRP A 848 6.25 19.54 12.94
N PRO A 849 5.83 20.13 11.80
CA PRO A 849 5.44 19.29 10.66
C PRO A 849 6.54 18.34 10.19
N SER A 850 6.21 17.07 10.03
CA SER A 850 7.20 16.07 9.62
C SER A 850 7.71 16.32 8.20
N GLY A 851 8.87 15.77 7.88
CA GLY A 851 9.50 15.96 6.58
C GLY A 851 10.10 17.34 6.39
N THR A 852 10.01 18.20 7.40
CA THR A 852 10.54 19.56 7.32
C THR A 852 11.55 19.84 8.43
N GLU A 853 12.43 20.81 8.15
CA GLU A 853 13.25 21.46 9.16
C GLU A 853 12.35 22.37 9.99
N ILE A 854 12.58 22.43 11.31
CA ILE A 854 11.82 23.36 12.14
C ILE A 854 12.19 24.80 11.77
N THR A 855 11.19 25.69 11.81
CA THR A 855 11.37 27.09 11.41
C THR A 855 12.55 27.75 12.14
N ASP A 856 13.31 28.58 11.42
CA ASP A 856 14.53 29.21 11.94
C ASP A 856 14.31 30.04 13.21
N LEU A 857 13.12 30.60 13.35
CA LEU A 857 12.74 31.39 14.53
C LEU A 857 13.05 30.68 15.86
N ILE A 858 12.87 29.36 15.87
CA ILE A 858 13.01 28.58 17.11
C ILE A 858 14.01 27.43 17.03
N LYS A 859 14.56 27.19 15.84
CA LYS A 859 15.48 26.07 15.62
C LYS A 859 16.62 26.06 16.64
N ASP A 860 17.30 27.20 16.79
CA ASP A 860 18.41 27.35 17.71
C ASP A 860 18.04 26.95 19.15
N ASP A 861 16.88 27.41 19.60
CA ASP A 861 16.40 27.09 20.95
C ASP A 861 16.06 25.61 21.12
N VAL A 862 15.43 25.02 20.10
CA VAL A 862 15.10 23.58 20.14
C VAL A 862 16.39 22.77 20.27
N LEU A 863 17.37 23.05 19.41
CA LEU A 863 18.66 22.35 19.42
C LEU A 863 19.35 22.44 20.78
N HIS A 864 19.30 23.63 21.38
CA HIS A 864 19.94 23.87 22.67
C HIS A 864 19.26 23.15 23.80
N TRP A 865 17.94 22.98 23.71
CA TRP A 865 17.15 22.42 24.81
C TRP A 865 16.67 20.99 24.63
N MET A 866 16.97 20.39 23.47
CA MET A 866 16.69 18.97 23.20
C MET A 866 17.17 18.09 24.33
N ASP A 867 16.29 17.22 24.83
CA ASP A 867 16.67 16.33 25.92
C ASP A 867 17.16 14.98 25.38
N TYR A 868 18.46 14.92 25.10
CA TYR A 868 19.12 13.73 24.57
C TYR A 868 19.00 12.51 25.47
N THR A 869 19.04 12.74 26.79
CA THR A 869 18.94 11.65 27.77
C THR A 869 17.58 10.96 27.70
N VAL A 870 16.51 11.75 27.69
CA VAL A 870 15.15 11.22 27.60
C VAL A 870 14.97 10.52 26.24
N LEU A 871 15.43 11.17 25.18
CA LEU A 871 15.33 10.63 23.83
C LEU A 871 15.96 9.23 23.74
N LEU A 872 17.18 9.12 24.27
CA LEU A 872 17.91 7.86 24.24
C LEU A 872 17.23 6.75 25.03
N GLU A 873 16.80 7.07 26.24
CA GLU A 873 16.15 6.08 27.11
C GLU A 873 14.85 5.57 26.50
N LYS A 874 14.05 6.50 26.00
CA LYS A 874 12.72 6.18 25.45
C LYS A 874 12.72 5.46 24.12
N THR A 875 13.58 5.89 23.19
CA THR A 875 13.53 5.36 21.83
C THR A 875 14.52 4.23 21.58
N PHE A 876 15.59 4.19 22.36
CA PHE A 876 16.65 3.23 22.11
C PHE A 876 16.83 2.22 23.23
N ILE A 877 17.13 2.69 24.45
CA ILE A 877 17.40 1.79 25.57
C ILE A 877 16.20 0.91 25.95
N LYS A 878 15.02 1.51 26.13
CA LYS A 878 13.80 0.74 26.43
C LYS A 878 13.53 -0.40 25.44
N PRO A 879 13.45 -0.10 24.13
CA PRO A 879 13.26 -1.20 23.18
C PRO A 879 14.39 -2.22 23.23
N LEU A 880 15.63 -1.75 23.31
CA LEU A 880 16.78 -2.66 23.35
C LEU A 880 16.75 -3.58 24.59
N GLU A 881 16.39 -3.03 25.76
CA GLU A 881 16.24 -3.85 26.98
C GLU A 881 15.16 -4.90 26.80
N GLY A 882 14.13 -4.56 26.04
CA GLY A 882 13.10 -5.53 25.65
C GLY A 882 13.68 -6.65 24.79
N PHE A 883 14.43 -6.30 23.75
CA PHE A 883 15.03 -7.32 22.87
C PHE A 883 15.96 -8.24 23.64
N THR A 884 16.83 -7.65 24.46
CA THR A 884 17.90 -8.41 25.09
C THR A 884 17.44 -9.30 26.23
N SER A 885 16.46 -8.82 27.01
CA SER A 885 15.88 -9.64 28.07
C SER A 885 15.09 -10.81 27.49
N ALA A 886 14.42 -10.59 26.36
CA ALA A 886 13.73 -11.68 25.68
C ALA A 886 14.73 -12.73 25.20
N ALA A 887 15.86 -12.27 24.64
CA ALA A 887 16.88 -13.14 24.09
C ALA A 887 17.87 -13.65 25.15
N LYS A 888 17.67 -13.21 26.39
CA LYS A 888 18.48 -13.65 27.54
C LYS A 888 19.96 -13.33 27.37
N LEU A 889 20.25 -12.07 27.05
CA LEU A 889 21.62 -11.59 27.05
C LEU A 889 21.69 -10.14 27.52
N ASP A 890 22.90 -9.63 27.72
CA ASP A 890 23.07 -8.30 28.26
C ASP A 890 23.71 -7.36 27.24
N TYR A 891 23.16 -6.15 27.13
CA TYR A 891 23.73 -5.15 26.24
C TYR A 891 24.89 -4.41 26.91
N GLU A 892 25.04 -4.61 28.22
CA GLU A 892 26.19 -4.08 28.96
C GLU A 892 26.91 -5.21 29.67
N LYS A 893 28.24 -5.19 29.61
CA LYS A 893 29.04 -6.24 30.23
C LYS A 893 28.91 -6.22 31.75
N LYS A 894 28.41 -7.31 32.30
CA LYS A 894 28.33 -7.48 33.75
C LYS A 894 29.72 -7.78 34.32
N ALA A 895 29.96 -7.36 35.56
CA ALA A 895 31.23 -7.61 36.24
C ALA A 895 31.51 -9.10 36.42
N SER A 896 32.79 -9.48 36.39
CA SER A 896 33.19 -10.86 36.66
C SER A 896 34.42 -10.91 37.54
N LEU A 897 34.77 -12.11 38.00
CA LEU A 897 35.96 -12.31 38.83
C LEU A 897 37.26 -11.96 38.11
N PHE A 898 37.21 -11.93 36.77
CA PHE A 898 38.39 -11.55 35.97
C PHE A 898 38.83 -10.10 36.13
N ASP A 899 37.89 -9.24 36.54
CA ASP A 899 38.17 -7.84 36.79
C ASP A 899 39.23 -7.63 37.88
N MET A 900 39.55 -8.69 38.64
CA MET A 900 40.55 -8.63 39.73
C MET A 900 41.99 -8.50 39.24
N PHE A 901 42.18 -8.51 37.92
CA PHE A 901 43.52 -8.45 37.32
C PHE A 901 43.69 -7.21 36.45
PG DGT D . 0.60 -14.94 0.67
O1G DGT D . 1.01 -15.55 2.00
O2G DGT D . 0.31 -15.98 -0.36
O3G DGT D . 1.44 -13.80 0.18
O3B DGT D . -0.86 -14.24 0.87
PB DGT D . -1.85 -14.31 2.13
O1B DGT D . -3.16 -13.75 1.65
O2B DGT D . -1.80 -15.65 2.80
O3A DGT D . -1.22 -13.12 3.02
PA DGT D . -0.70 -13.08 4.53
O1A DGT D . -0.02 -11.76 4.61
O2A DGT D . 0.03 -14.37 4.88
O5' DGT D . -2.02 -12.96 5.43
C5' DGT D . -2.79 -14.10 5.78
C4' DGT D . -4.24 -13.72 5.80
O4' DGT D . -4.45 -12.60 6.67
C3' DGT D . -4.77 -13.25 4.44
O3' DGT D . -5.08 -14.29 3.51
C2' DGT D . -6.01 -12.52 4.90
C1' DGT D . -5.60 -11.88 6.24
N9 DGT D . -5.30 -10.48 5.84
C8 DGT D . -4.11 -9.90 5.62
N7 DGT D . -4.31 -8.60 5.22
C5 DGT D . -5.65 -8.38 5.15
C6 DGT D . -6.57 -7.26 4.81
O6 DGT D . -6.09 -6.17 4.45
N1 DGT D . -7.90 -7.46 4.88
C2 DGT D . -8.42 -8.65 5.27
N2 DGT D . -9.75 -8.84 5.34
N3 DGT D . -7.62 -9.71 5.61
C4 DGT D . -6.27 -9.62 5.57
CA CA E . 0.02 -16.54 3.80
CA CA F . 1.50 -15.41 6.88
CA CA G . 33.56 -12.28 -13.16
CA CA H . 4.42 -18.88 0.23
CA CA I . 5.61 23.59 -5.12
#